data_8C9K
#
_entry.id   8C9K
#
_cell.length_a   54.430
_cell.length_b   94.130
_cell.length_c   94.670
_cell.angle_alpha   90.000
_cell.angle_beta   105.260
_cell.angle_gamma   90.000
#
_symmetry.space_group_name_H-M   'P 1 21 1'
#
loop_
_entity.id
_entity.type
_entity.pdbx_description
1 polymer MPXVgp165
2 water water
#
_entity_poly.entity_id   1
_entity_poly.type   'polypeptide(L)'
_entity_poly.pdbx_seq_one_letter_code
;SMAMFYAHAFGGYDENLHAFPGISSTVANDVRKYSVVSVYNKKYNIVKNKYMWCNSQVNKRYIGALLPMFECNEYLQIGD
PIHDLEGNQISIVTYRHKNYYALSGIGYESLDLCLEGVGIHHHVLETGNAVYGKVQHEYSTIKEKAKEMNALKPGPIIDY
HVWIGDCVCQVTTVDVHGKEIMRMRFKRGAVLPIPNLV
;
_entity_poly.pdbx_strand_id   A,B,C,D
#
# COMPACT_ATOMS: atom_id res chain seq x y z
N MET A 2 11.13 36.20 -3.87
CA MET A 2 11.09 34.76 -4.08
C MET A 2 10.12 34.39 -5.18
N ALA A 3 9.48 33.23 -5.04
CA ALA A 3 8.52 32.76 -6.02
C ALA A 3 7.28 33.65 -6.03
N MET A 4 6.82 33.99 -7.24
CA MET A 4 5.67 34.86 -7.43
C MET A 4 4.51 34.05 -8.03
N PHE A 5 3.30 34.35 -7.58
CA PHE A 5 2.10 33.68 -8.06
C PHE A 5 1.06 34.76 -8.36
N TYR A 6 0.52 34.76 -9.58
CA TYR A 6 -0.47 35.74 -10.00
C TYR A 6 -1.76 35.03 -10.41
N ALA A 7 -2.88 35.60 -9.98
CA ALA A 7 -4.20 35.00 -10.20
C ALA A 7 -4.75 35.45 -11.55
N HIS A 8 -5.12 34.48 -12.39
CA HIS A 8 -5.72 34.80 -13.68
C HIS A 8 -7.03 35.56 -13.52
N ALA A 9 -7.78 35.29 -12.44
CA ALA A 9 -9.04 35.98 -12.22
C ALA A 9 -8.85 37.47 -12.01
N PHE A 10 -7.64 37.90 -11.64
CA PHE A 10 -7.35 39.31 -11.36
C PHE A 10 -6.50 39.95 -12.46
N GLY A 11 -6.53 39.39 -13.67
CA GLY A 11 -5.73 39.91 -14.75
C GLY A 11 -4.27 39.53 -14.70
N GLY A 12 -3.92 38.49 -13.96
CA GLY A 12 -2.53 38.14 -13.72
C GLY A 12 -1.87 37.23 -14.74
N TYR A 13 -2.56 36.86 -15.82
CA TYR A 13 -1.97 35.96 -16.80
C TYR A 13 -0.78 36.63 -17.48
N ASP A 14 0.33 35.88 -17.58
CA ASP A 14 1.55 36.34 -18.22
C ASP A 14 2.07 35.17 -19.06
N GLU A 15 2.03 35.31 -20.39
CA GLU A 15 2.37 34.18 -21.25
C GLU A 15 3.83 33.77 -21.14
N ASN A 16 4.69 34.60 -20.57
CA ASN A 16 6.09 34.27 -20.39
C ASN A 16 6.37 33.58 -19.07
N LEU A 17 5.36 33.42 -18.22
CA LEU A 17 5.47 32.70 -16.96
C LEU A 17 4.83 31.31 -17.10
N HIS A 18 5.12 30.45 -16.11
CA HIS A 18 4.51 29.13 -16.07
C HIS A 18 3.01 29.27 -15.90
N ALA A 19 2.26 28.43 -16.61
CA ALA A 19 0.81 28.52 -16.65
C ALA A 19 0.19 27.26 -16.08
N PHE A 20 -0.67 27.43 -15.09
CA PHE A 20 -1.48 26.39 -14.50
C PHE A 20 -2.88 26.94 -14.34
N PRO A 21 -3.87 26.09 -14.07
CA PRO A 21 -5.24 26.61 -13.89
C PRO A 21 -5.29 27.71 -12.84
N GLY A 22 -5.70 28.90 -13.28
CA GLY A 22 -5.86 30.05 -12.41
C GLY A 22 -4.60 30.78 -12.01
N ILE A 23 -3.43 30.35 -12.45
CA ILE A 23 -2.15 30.85 -11.92
C ILE A 23 -1.14 31.04 -13.04
N SER A 24 -0.48 32.20 -13.04
CA SER A 24 0.80 32.37 -13.72
C SER A 24 1.87 32.58 -12.65
N SER A 25 2.98 31.86 -12.76
CA SER A 25 3.95 31.84 -11.68
C SER A 25 5.37 31.87 -12.24
N THR A 26 6.30 32.37 -11.42
CA THR A 26 7.72 32.34 -11.75
C THR A 26 8.36 30.99 -11.49
N VAL A 27 7.62 30.05 -10.88
CA VAL A 27 8.13 28.72 -10.59
C VAL A 27 7.09 27.70 -11.05
N ALA A 28 7.55 26.46 -11.22
CA ALA A 28 6.71 25.35 -11.63
C ALA A 28 6.80 24.27 -10.56
N ASN A 29 5.91 24.35 -9.57
CA ASN A 29 5.92 23.42 -8.45
C ASN A 29 5.08 22.19 -8.77
N ASP A 30 5.66 21.01 -8.54
CA ASP A 30 4.92 19.75 -8.61
C ASP A 30 4.16 19.58 -7.31
N VAL A 31 2.83 19.77 -7.35
CA VAL A 31 2.03 19.74 -6.13
C VAL A 31 1.49 18.36 -5.80
N ARG A 32 1.86 17.33 -6.58
CA ARG A 32 1.37 15.99 -6.28
C ARG A 32 1.96 15.43 -4.98
N LYS A 33 3.11 15.93 -4.55
CA LYS A 33 3.83 15.33 -3.43
C LYS A 33 3.30 15.75 -2.07
N TYR A 34 2.39 16.72 -2.00
CA TYR A 34 1.94 17.24 -0.72
C TYR A 34 0.75 16.45 -0.19
N SER A 35 0.81 16.11 1.10
CA SER A 35 -0.32 15.54 1.81
C SER A 35 -0.99 16.53 2.74
N VAL A 36 -0.29 17.59 3.12
CA VAL A 36 -0.82 18.64 3.99
C VAL A 36 -0.31 19.99 3.50
N VAL A 37 -1.12 21.01 3.69
CA VAL A 37 -0.77 22.39 3.37
C VAL A 37 -1.23 23.27 4.51
N SER A 38 -0.86 24.55 4.45
CA SER A 38 -1.34 25.53 5.40
C SER A 38 -1.78 26.79 4.68
N VAL A 39 -2.79 27.45 5.24
CA VAL A 39 -3.22 28.77 4.82
C VAL A 39 -3.45 29.59 6.09
N TYR A 40 -2.68 30.67 6.25
CA TYR A 40 -2.82 31.58 7.39
C TYR A 40 -2.75 30.83 8.73
N ASN A 41 -1.68 30.04 8.90
CA ASN A 41 -1.44 29.36 10.17
C ASN A 41 -2.54 28.36 10.54
N LYS A 42 -3.18 27.76 9.54
CA LYS A 42 -4.11 26.68 9.75
C LYS A 42 -3.76 25.56 8.77
N LYS A 43 -3.77 24.33 9.26
CA LYS A 43 -3.32 23.17 8.49
C LYS A 43 -4.52 22.44 7.89
N TYR A 44 -4.35 21.94 6.66
CA TYR A 44 -5.43 21.26 5.95
C TYR A 44 -4.88 20.03 5.24
N ASN A 45 -5.66 18.96 5.24
CA ASN A 45 -5.25 17.70 4.62
C ASN A 45 -5.65 17.66 3.15
N ILE A 46 -4.75 17.14 2.31
CA ILE A 46 -5.05 16.88 0.91
C ILE A 46 -5.89 15.62 0.81
N VAL A 47 -6.96 15.69 0.02
CA VAL A 47 -7.83 14.52 -0.16
C VAL A 47 -7.08 13.45 -0.95
N LYS A 48 -7.20 12.21 -0.52
CA LYS A 48 -6.57 11.09 -1.21
C LYS A 48 -7.49 10.55 -2.30
N ASN A 49 -6.90 10.30 -3.48
CA ASN A 49 -7.53 9.57 -4.57
C ASN A 49 -8.78 10.26 -5.12
N LYS A 50 -8.91 11.57 -4.92
CA LYS A 50 -9.97 12.34 -5.56
C LYS A 50 -9.48 13.76 -5.74
N TYR A 51 -9.78 14.35 -6.89
CA TYR A 51 -9.12 15.55 -7.37
C TYR A 51 -10.16 16.56 -7.85
N MET A 52 -9.68 17.70 -8.33
CA MET A 52 -10.53 18.76 -8.88
C MET A 52 -10.07 19.08 -10.30
N TRP A 53 -10.98 19.01 -11.25
CA TRP A 53 -10.68 19.46 -12.61
C TRP A 53 -10.90 20.97 -12.69
N CYS A 54 -9.82 21.72 -12.82
CA CYS A 54 -9.86 23.17 -12.87
C CYS A 54 -9.34 23.66 -14.21
N ASN A 55 -9.83 24.81 -14.65
CA ASN A 55 -9.35 25.40 -15.88
C ASN A 55 -9.43 26.92 -15.79
N SER A 56 -8.48 27.58 -16.45
CA SER A 56 -8.62 28.99 -16.78
C SER A 56 -8.55 29.11 -18.30
N GLN A 57 -9.22 30.13 -18.82
CA GLN A 57 -9.25 30.42 -20.24
C GLN A 57 -8.82 31.87 -20.43
N VAL A 58 -7.62 32.05 -20.96
CA VAL A 58 -7.00 33.37 -21.09
C VAL A 58 -6.57 33.54 -22.53
N ASN A 59 -6.86 34.70 -23.11
CA ASN A 59 -6.70 34.93 -24.55
C ASN A 59 -7.57 33.88 -25.23
N LYS A 60 -7.05 33.09 -26.16
CA LYS A 60 -7.76 31.94 -26.71
C LYS A 60 -7.14 30.64 -26.23
N ARG A 61 -6.61 30.62 -25.01
CA ARG A 61 -5.83 29.51 -24.49
C ARG A 61 -6.56 28.86 -23.33
N TYR A 62 -6.82 27.55 -23.44
CA TYR A 62 -7.44 26.77 -22.39
C TYR A 62 -6.37 26.03 -21.61
N ILE A 63 -6.38 26.19 -20.29
CA ILE A 63 -5.39 25.58 -19.39
C ILE A 63 -6.15 24.78 -18.35
N GLY A 64 -6.29 23.47 -18.56
CA GLY A 64 -7.05 22.62 -17.67
C GLY A 64 -6.22 21.46 -17.13
N ALA A 65 -6.53 21.05 -15.90
CA ALA A 65 -5.79 19.95 -15.29
C ALA A 65 -6.53 19.40 -14.08
N LEU A 66 -6.28 18.12 -13.78
CA LEU A 66 -6.69 17.51 -12.53
C LEU A 66 -5.71 17.95 -11.44
N LEU A 67 -6.23 18.65 -10.42
CA LEU A 67 -5.36 19.17 -9.36
C LEU A 67 -5.68 18.51 -8.03
N PRO A 68 -4.67 18.36 -7.16
CA PRO A 68 -4.96 17.99 -5.77
C PRO A 68 -5.83 19.06 -5.12
N MET A 69 -6.33 18.72 -3.95
CA MET A 69 -7.42 19.47 -3.37
C MET A 69 -7.48 19.18 -1.88
N PHE A 70 -7.54 20.22 -1.06
CA PHE A 70 -7.53 20.07 0.38
C PHE A 70 -8.87 20.47 0.97
N GLU A 71 -9.20 19.88 2.11
CA GLU A 71 -10.49 20.06 2.77
C GLU A 71 -10.36 21.17 3.81
N CYS A 72 -11.18 22.20 3.67
CA CYS A 72 -11.07 23.38 4.52
C CYS A 72 -12.47 23.94 4.74
N ASN A 73 -12.90 24.02 6.01
CA ASN A 73 -14.22 24.54 6.31
C ASN A 73 -14.26 26.07 6.35
N GLU A 74 -13.11 26.73 6.48
CA GLU A 74 -13.07 28.18 6.35
C GLU A 74 -13.33 28.59 4.90
N TYR A 75 -13.91 29.77 4.73
CA TYR A 75 -13.99 30.38 3.42
C TYR A 75 -12.67 31.07 3.09
N LEU A 76 -11.99 30.58 2.06
CA LEU A 76 -10.76 31.18 1.56
C LEU A 76 -11.04 31.89 0.25
N GLN A 77 -10.25 32.94 0.00
CA GLN A 77 -10.46 33.82 -1.14
C GLN A 77 -9.36 33.64 -2.17
N ILE A 78 -9.70 33.92 -3.43
CA ILE A 78 -8.73 33.82 -4.52
C ILE A 78 -7.52 34.68 -4.19
N GLY A 79 -6.33 34.07 -4.29
CA GLY A 79 -5.09 34.77 -4.04
C GLY A 79 -4.50 34.52 -2.67
N ASP A 80 -5.27 33.95 -1.75
CA ASP A 80 -4.74 33.60 -0.43
C ASP A 80 -3.53 32.69 -0.60
N PRO A 81 -2.40 33.00 0.02
CA PRO A 81 -1.20 32.16 -0.14
C PRO A 81 -1.40 30.78 0.49
N ILE A 82 -0.93 29.76 -0.22
CA ILE A 82 -0.89 28.40 0.28
C ILE A 82 0.57 28.01 0.51
N HIS A 83 0.88 27.54 1.71
CA HIS A 83 2.22 27.14 2.08
C HIS A 83 2.30 25.65 2.33
N ASP A 84 3.50 25.10 2.24
CA ASP A 84 3.75 23.80 2.82
C ASP A 84 3.93 23.95 4.33
N LEU A 85 4.27 22.86 5.01
CA LEU A 85 4.40 22.92 6.46
C LEU A 85 5.80 23.36 6.88
N GLU A 86 6.64 23.77 5.94
CA GLU A 86 7.98 24.27 6.24
C GLU A 86 8.12 25.77 6.00
N GLY A 87 7.04 26.46 5.65
CA GLY A 87 7.06 27.89 5.51
C GLY A 87 7.22 28.42 4.10
N ASN A 88 7.37 27.55 3.11
CA ASN A 88 7.51 27.98 1.72
C ASN A 88 6.13 28.12 1.08
N GLN A 89 5.91 29.22 0.38
CA GLN A 89 4.68 29.36 -0.39
C GLN A 89 4.78 28.50 -1.64
N ILE A 90 3.75 27.69 -1.89
CA ILE A 90 3.75 26.77 -3.01
C ILE A 90 2.68 27.08 -4.05
N SER A 91 1.68 27.88 -3.73
CA SER A 91 0.56 28.15 -4.63
C SER A 91 -0.26 29.29 -4.05
N ILE A 92 -1.39 29.58 -4.69
CA ILE A 92 -2.40 30.49 -4.16
C ILE A 92 -3.76 29.84 -4.35
N VAL A 93 -4.72 30.26 -3.53
CA VAL A 93 -6.09 29.76 -3.65
C VAL A 93 -6.65 30.17 -4.99
N THR A 94 -7.32 29.23 -5.67
CA THR A 94 -7.87 29.48 -6.99
C THR A 94 -9.34 29.09 -7.09
N TYR A 95 -9.62 27.79 -6.97
CA TYR A 95 -10.95 27.25 -7.20
C TYR A 95 -11.42 26.48 -5.98
N ARG A 96 -12.75 26.39 -5.84
N ARG A 96 -12.75 26.40 -5.81
CA ARG A 96 -13.40 25.79 -4.67
CA ARG A 96 -13.32 25.71 -4.67
C ARG A 96 -14.58 24.93 -5.11
C ARG A 96 -14.57 24.94 -5.08
N HIS A 97 -14.79 23.83 -4.39
CA HIS A 97 -16.00 23.02 -4.53
C HIS A 97 -16.48 22.75 -3.11
N LYS A 98 -17.46 23.54 -2.64
CA LYS A 98 -17.91 23.52 -1.26
C LYS A 98 -16.73 23.64 -0.29
N ASN A 99 -16.37 22.56 0.41
CA ASN A 99 -15.25 22.60 1.34
C ASN A 99 -13.95 22.07 0.75
N TYR A 100 -13.89 21.85 -0.56
CA TYR A 100 -12.66 21.42 -1.23
C TYR A 100 -12.03 22.60 -1.95
N TYR A 101 -10.71 22.75 -1.82
CA TYR A 101 -9.96 23.82 -2.46
C TYR A 101 -8.84 23.24 -3.29
N ALA A 102 -8.75 23.65 -4.55
CA ALA A 102 -7.71 23.16 -5.44
C ALA A 102 -6.34 23.66 -5.01
N LEU A 103 -5.32 22.84 -5.27
CA LEU A 103 -3.91 23.19 -5.11
C LEU A 103 -3.29 23.23 -6.51
N SER A 104 -3.18 24.43 -7.07
CA SER A 104 -2.81 24.57 -8.47
C SER A 104 -1.29 24.61 -8.65
N GLY A 105 -0.84 23.96 -9.72
CA GLY A 105 0.56 23.71 -10.00
C GLY A 105 0.64 22.58 -11.00
N ILE A 106 1.80 21.92 -11.05
CA ILE A 106 1.89 20.68 -11.83
C ILE A 106 1.12 19.61 -11.09
N GLY A 107 0.02 19.15 -11.68
CA GLY A 107 -0.81 18.14 -11.05
C GLY A 107 -0.85 16.84 -11.82
N TYR A 108 -2.06 16.30 -12.01
CA TYR A 108 -2.20 15.05 -12.73
C TYR A 108 -2.56 15.33 -14.19
N GLU A 109 -3.51 14.59 -14.75
CA GLU A 109 -3.77 14.71 -16.19
C GLU A 109 -4.18 16.13 -16.55
N SER A 110 -3.62 16.64 -17.66
CA SER A 110 -3.81 18.02 -18.06
C SER A 110 -4.21 18.10 -19.52
N LEU A 111 -5.02 19.12 -19.84
CA LEU A 111 -5.44 19.40 -21.20
C LEU A 111 -5.13 20.85 -21.53
N ASP A 112 -4.27 21.08 -22.51
CA ASP A 112 -4.00 22.41 -23.04
C ASP A 112 -4.56 22.48 -24.45
N LEU A 113 -5.30 23.55 -24.74
CA LEU A 113 -6.01 23.63 -26.01
C LEU A 113 -6.10 25.05 -26.49
N CYS A 114 -5.85 25.24 -27.78
CA CYS A 114 -6.17 26.49 -28.47
C CYS A 114 -7.66 26.50 -28.79
N LEU A 115 -8.38 27.50 -28.28
CA LEU A 115 -9.82 27.58 -28.45
C LEU A 115 -10.23 28.27 -29.75
N GLU A 116 -9.31 28.41 -30.70
CA GLU A 116 -9.64 29.04 -31.96
C GLU A 116 -10.63 28.17 -32.74
N GLY A 117 -11.84 28.69 -32.95
CA GLY A 117 -12.83 28.01 -33.75
C GLY A 117 -13.52 26.84 -33.08
N VAL A 118 -13.35 26.65 -31.77
CA VAL A 118 -13.96 25.53 -31.06
C VAL A 118 -14.53 26.02 -29.74
N GLY A 119 -15.41 25.20 -29.16
CA GLY A 119 -15.89 25.43 -27.81
C GLY A 119 -15.48 24.30 -26.89
N ILE A 120 -15.57 24.54 -25.58
CA ILE A 120 -15.27 23.51 -24.59
C ILE A 120 -16.28 23.64 -23.46
N HIS A 121 -16.81 22.50 -23.02
CA HIS A 121 -17.86 22.47 -22.01
C HIS A 121 -17.55 21.41 -20.98
N HIS A 122 -17.93 21.68 -19.74
CA HIS A 122 -17.63 20.81 -18.62
C HIS A 122 -18.91 20.27 -17.99
N HIS A 123 -18.89 18.99 -17.63
CA HIS A 123 -20.07 18.32 -17.12
C HIS A 123 -19.71 17.46 -15.91
N VAL A 124 -20.63 17.38 -14.97
CA VAL A 124 -20.55 16.37 -13.92
C VAL A 124 -21.15 15.08 -14.45
N LEU A 125 -20.34 14.02 -14.49
CA LEU A 125 -20.78 12.73 -14.99
C LEU A 125 -21.46 11.96 -13.88
N GLU A 126 -22.76 11.72 -14.05
CA GLU A 126 -23.53 10.97 -13.06
C GLU A 126 -23.01 9.54 -12.97
N THR A 127 -22.81 9.05 -11.75
CA THR A 127 -22.33 7.69 -11.54
C THR A 127 -23.23 6.68 -12.23
N GLY A 128 -22.63 5.80 -13.03
CA GLY A 128 -23.36 4.79 -13.75
C GLY A 128 -23.84 5.22 -15.12
N ASN A 129 -23.73 6.50 -15.46
CA ASN A 129 -24.14 6.97 -16.77
C ASN A 129 -23.08 6.66 -17.82
N ALA A 130 -23.50 6.68 -19.08
CA ALA A 130 -22.60 6.57 -20.22
C ALA A 130 -22.58 7.90 -20.95
N VAL A 131 -21.61 8.04 -21.86
CA VAL A 131 -21.45 9.25 -22.64
C VAL A 131 -21.39 8.88 -24.12
N TYR A 132 -22.07 9.67 -24.95
CA TYR A 132 -21.80 9.71 -26.37
C TYR A 132 -21.69 11.17 -26.79
N GLY A 133 -20.52 11.56 -27.29
CA GLY A 133 -20.34 12.89 -27.81
C GLY A 133 -20.64 13.98 -26.79
N LYS A 134 -21.72 14.73 -27.03
CA LYS A 134 -22.05 15.90 -26.23
C LYS A 134 -23.08 15.62 -25.14
N VAL A 135 -23.53 14.38 -24.96
CA VAL A 135 -24.59 14.08 -24.01
C VAL A 135 -24.22 12.90 -23.12
N GLN A 136 -24.78 12.90 -21.92
CA GLN A 136 -24.76 11.75 -21.03
C GLN A 136 -26.19 11.30 -20.77
N HIS A 137 -26.35 10.02 -20.45
CA HIS A 137 -27.65 9.43 -20.10
C HIS A 137 -27.40 8.02 -19.59
N GLU A 138 -28.47 7.27 -19.36
CA GLU A 138 -28.33 5.87 -18.98
C GLU A 138 -27.66 5.07 -20.10
N TYR A 139 -26.97 4.00 -19.70
CA TYR A 139 -26.24 3.18 -20.65
C TYR A 139 -27.14 2.74 -21.82
N SER A 140 -28.39 2.39 -21.53
CA SER A 140 -29.28 1.91 -22.57
C SER A 140 -29.63 3.01 -23.57
N THR A 141 -29.96 4.20 -23.07
CA THR A 141 -30.27 5.31 -23.97
C THR A 141 -29.05 5.73 -24.78
N ILE A 142 -27.87 5.71 -24.17
CA ILE A 142 -26.65 6.08 -24.88
C ILE A 142 -26.32 5.07 -25.97
N LYS A 143 -26.47 3.77 -25.66
CA LYS A 143 -26.14 2.75 -26.66
C LYS A 143 -27.02 2.88 -27.89
N GLU A 144 -28.30 3.24 -27.70
CA GLU A 144 -29.15 3.57 -28.84
C GLU A 144 -28.60 4.76 -29.61
N LYS A 145 -28.16 5.80 -28.90
CA LYS A 145 -27.67 7.00 -29.55
C LYS A 145 -26.43 6.71 -30.38
N ALA A 146 -25.49 5.94 -29.81
CA ALA A 146 -24.27 5.60 -30.54
C ALA A 146 -24.58 4.83 -31.82
N LYS A 147 -25.68 4.09 -31.84
CA LYS A 147 -26.03 3.29 -33.00
C LYS A 147 -26.67 4.14 -34.08
N GLU A 148 -27.55 5.07 -33.71
CA GLU A 148 -28.11 6.01 -34.67
C GLU A 148 -27.01 6.85 -35.32
N MET A 149 -25.98 7.20 -34.54
CA MET A 149 -24.94 8.11 -34.98
C MET A 149 -23.82 7.41 -35.74
N ASN A 150 -23.78 6.08 -35.70
CA ASN A 150 -22.66 5.33 -36.24
C ASN A 150 -22.53 5.51 -37.75
N ALA A 151 -23.64 5.72 -38.46
CA ALA A 151 -23.60 5.80 -39.91
C ALA A 151 -22.95 7.08 -40.41
N LEU A 152 -23.02 8.15 -39.61
CA LEU A 152 -22.52 9.44 -40.07
C LEU A 152 -21.03 9.40 -40.40
N LYS A 153 -20.66 10.12 -41.45
CA LYS A 153 -19.24 10.30 -41.75
C LYS A 153 -18.67 11.38 -40.86
N PRO A 154 -17.54 11.13 -40.19
CA PRO A 154 -17.00 12.12 -39.26
C PRO A 154 -16.53 13.38 -39.97
N GLY A 155 -16.83 14.53 -39.37
CA GLY A 155 -16.35 15.81 -39.83
C GLY A 155 -15.32 16.35 -38.85
N PRO A 156 -14.86 17.58 -39.09
CA PRO A 156 -13.86 18.16 -38.21
C PRO A 156 -14.44 18.55 -36.85
N ILE A 157 -13.59 18.47 -35.82
CA ILE A 157 -14.01 18.75 -34.45
C ILE A 157 -14.39 20.22 -34.33
N ILE A 158 -15.52 20.47 -33.66
CA ILE A 158 -15.92 21.83 -33.34
C ILE A 158 -16.12 22.07 -31.84
N ASP A 159 -16.25 21.02 -31.03
CA ASP A 159 -16.47 21.21 -29.61
C ASP A 159 -15.84 20.09 -28.80
N TYR A 160 -15.35 20.45 -27.61
CA TYR A 160 -14.75 19.54 -26.66
C TYR A 160 -15.66 19.44 -25.45
N HIS A 161 -15.75 18.25 -24.86
CA HIS A 161 -16.61 18.03 -23.71
C HIS A 161 -15.85 17.27 -22.64
N VAL A 162 -15.81 17.82 -21.44
CA VAL A 162 -15.04 17.27 -20.32
C VAL A 162 -16.02 16.69 -19.32
N TRP A 163 -15.89 15.39 -19.05
CA TRP A 163 -16.84 14.65 -18.21
C TRP A 163 -16.11 14.24 -16.94
N ILE A 164 -16.51 14.84 -15.81
CA ILE A 164 -15.82 14.66 -14.54
C ILE A 164 -16.68 13.76 -13.67
N GLY A 165 -16.22 12.52 -13.46
CA GLY A 165 -16.92 11.56 -12.63
C GLY A 165 -16.10 11.22 -11.39
N ASP A 166 -16.73 10.50 -10.47
CA ASP A 166 -16.09 10.17 -9.21
C ASP A 166 -15.25 8.89 -9.28
N CYS A 167 -15.21 8.21 -10.43
CA CYS A 167 -14.25 7.13 -10.62
C CYS A 167 -13.44 7.32 -11.88
N VAL A 168 -14.00 8.03 -12.87
CA VAL A 168 -13.34 8.22 -14.16
C VAL A 168 -13.65 9.62 -14.67
N CYS A 169 -12.69 10.17 -15.42
CA CYS A 169 -12.88 11.42 -16.15
C CYS A 169 -12.63 11.16 -17.64
N GLN A 170 -13.36 11.87 -18.49
CA GLN A 170 -13.27 11.66 -19.93
C GLN A 170 -13.36 12.98 -20.67
N VAL A 171 -12.69 13.04 -21.82
CA VAL A 171 -12.82 14.14 -22.77
C VAL A 171 -13.33 13.56 -24.07
N THR A 172 -14.43 14.10 -24.59
CA THR A 172 -14.93 13.73 -25.91
C THR A 172 -14.95 14.96 -26.81
N THR A 173 -15.03 14.70 -28.12
CA THR A 173 -15.08 15.74 -29.13
C THR A 173 -16.17 15.39 -30.14
N VAL A 174 -16.78 16.43 -30.71
CA VAL A 174 -17.88 16.24 -31.65
C VAL A 174 -17.69 17.14 -32.86
N ASP A 175 -18.24 16.71 -33.99
CA ASP A 175 -18.32 17.54 -35.19
C ASP A 175 -19.63 18.30 -35.21
N VAL A 176 -19.96 18.91 -36.35
CA VAL A 176 -21.15 19.76 -36.42
C VAL A 176 -22.45 18.96 -36.32
N HIS A 177 -22.42 17.66 -36.59
CA HIS A 177 -23.60 16.82 -36.46
C HIS A 177 -23.69 16.11 -35.13
N GLY A 178 -22.76 16.37 -34.21
CA GLY A 178 -22.76 15.70 -32.93
C GLY A 178 -22.12 14.33 -32.90
N LYS A 179 -21.50 13.91 -34.00
CA LYS A 179 -20.80 12.64 -34.01
C LYS A 179 -19.54 12.72 -33.16
N GLU A 180 -19.32 11.69 -32.35
CA GLU A 180 -18.13 11.64 -31.51
C GLU A 180 -16.93 11.28 -32.36
N ILE A 181 -15.91 12.14 -32.36
CA ILE A 181 -14.72 11.95 -33.17
C ILE A 181 -13.61 11.26 -32.40
N MET A 182 -13.41 11.67 -31.15
CA MET A 182 -12.27 11.24 -30.37
C MET A 182 -12.64 11.27 -28.89
N ARG A 183 -12.13 10.30 -28.14
CA ARG A 183 -12.36 10.25 -26.70
C ARG A 183 -11.07 9.86 -25.99
N MET A 184 -10.80 10.53 -24.87
CA MET A 184 -9.71 10.17 -23.98
C MET A 184 -10.29 9.94 -22.59
N ARG A 185 -9.78 8.92 -21.88
CA ARG A 185 -10.26 8.56 -20.54
C ARG A 185 -9.10 8.57 -19.54
N PHE A 186 -9.39 9.00 -18.30
CA PHE A 186 -8.38 9.06 -17.24
C PHE A 186 -8.95 8.26 -16.10
N LYS A 187 -8.13 7.40 -15.52
CA LYS A 187 -8.62 6.50 -14.49
C LYS A 187 -8.42 7.15 -13.12
N ARG A 188 -9.10 8.28 -12.94
CA ARG A 188 -9.06 9.07 -11.71
C ARG A 188 -10.43 9.69 -11.49
N GLY A 189 -10.82 9.80 -10.22
CA GLY A 189 -12.08 10.41 -9.84
C GLY A 189 -11.89 11.85 -9.41
N ALA A 190 -12.91 12.68 -9.61
CA ALA A 190 -12.75 14.11 -9.39
C ALA A 190 -14.09 14.82 -9.25
N VAL A 191 -14.02 16.09 -8.88
CA VAL A 191 -15.17 16.99 -8.86
C VAL A 191 -14.83 18.22 -9.70
N LEU A 192 -15.88 19.03 -10.01
CA LEU A 192 -15.66 20.29 -10.68
C LEU A 192 -15.82 21.44 -9.69
N PRO A 193 -15.16 22.58 -9.94
CA PRO A 193 -15.37 23.74 -9.07
C PRO A 193 -16.82 24.20 -9.14
N ILE A 194 -17.28 24.82 -8.06
CA ILE A 194 -18.60 25.42 -8.02
C ILE A 194 -18.41 26.93 -7.89
N PRO A 195 -18.75 27.71 -8.93
CA PRO A 195 -18.63 29.18 -8.93
C PRO A 195 -19.51 29.82 -7.86
N MET B 2 -17.03 -20.57 -22.71
CA MET B 2 -16.63 -19.51 -21.79
C MET B 2 -16.40 -18.20 -22.53
N ALA B 3 -15.49 -17.38 -22.01
CA ALA B 3 -15.17 -16.12 -22.65
C ALA B 3 -14.29 -16.34 -23.88
N MET B 4 -14.56 -15.58 -24.94
CA MET B 4 -13.81 -15.67 -26.19
C MET B 4 -12.90 -14.46 -26.32
N PHE B 5 -11.71 -14.68 -26.87
CA PHE B 5 -10.76 -13.60 -27.16
C PHE B 5 -10.23 -13.80 -28.57
N TYR B 6 -10.41 -12.79 -29.42
CA TYR B 6 -10.00 -12.85 -30.82
C TYR B 6 -8.92 -11.80 -31.08
N ALA B 7 -7.92 -12.17 -31.87
CA ALA B 7 -6.77 -11.32 -32.14
C ALA B 7 -7.01 -10.49 -33.39
N HIS B 8 -6.90 -9.16 -33.25
CA HIS B 8 -7.06 -8.27 -34.39
C HIS B 8 -6.02 -8.53 -35.47
N ALA B 9 -4.82 -8.98 -35.09
CA ALA B 9 -3.79 -9.28 -36.06
C ALA B 9 -4.18 -10.43 -36.98
N PHE B 10 -5.13 -11.27 -36.56
CA PHE B 10 -5.56 -12.44 -37.31
C PHE B 10 -6.95 -12.25 -37.93
N GLY B 11 -7.43 -11.01 -37.99
CA GLY B 11 -8.75 -10.72 -38.51
C GLY B 11 -9.87 -10.87 -37.51
N GLY B 12 -9.57 -10.90 -36.22
CA GLY B 12 -10.58 -11.16 -35.20
C GLY B 12 -11.42 -9.98 -34.77
N TYR B 13 -11.23 -8.79 -35.36
CA TYR B 13 -12.02 -7.64 -34.94
C TYR B 13 -13.49 -7.86 -35.25
N ASP B 14 -14.34 -7.59 -34.26
CA ASP B 14 -15.78 -7.75 -34.38
C ASP B 14 -16.39 -6.54 -33.68
N GLU B 15 -16.99 -5.63 -34.46
CA GLU B 15 -17.44 -4.37 -33.89
C GLU B 15 -18.58 -4.53 -32.89
N ASN B 16 -19.18 -5.71 -32.78
CA ASN B 16 -20.24 -5.96 -31.81
C ASN B 16 -19.71 -6.54 -30.50
N LEU B 17 -18.40 -6.77 -30.40
CA LEU B 17 -17.76 -7.25 -29.19
C LEU B 17 -16.99 -6.11 -28.54
N HIS B 18 -16.61 -6.32 -27.28
CA HIS B 18 -15.73 -5.38 -26.59
C HIS B 18 -14.40 -5.30 -27.32
N ALA B 19 -13.88 -4.09 -27.47
CA ALA B 19 -12.64 -3.85 -28.18
C ALA B 19 -11.61 -3.25 -27.24
N PHE B 20 -10.41 -3.84 -27.24
CA PHE B 20 -9.26 -3.31 -26.52
C PHE B 20 -8.08 -3.40 -27.49
N PRO B 21 -6.92 -2.81 -27.19
CA PRO B 21 -5.77 -2.95 -28.10
C PRO B 21 -5.47 -4.41 -28.43
N GLY B 22 -5.64 -4.77 -29.70
CA GLY B 22 -5.30 -6.09 -30.18
C GLY B 22 -6.34 -7.17 -29.98
N ILE B 23 -7.45 -6.90 -29.28
CA ILE B 23 -8.40 -7.94 -28.92
C ILE B 23 -9.84 -7.46 -29.13
N SER B 24 -10.68 -8.37 -29.63
CA SER B 24 -12.12 -8.31 -29.47
C SER B 24 -12.54 -9.47 -28.59
N SER B 25 -13.37 -9.19 -27.58
CA SER B 25 -13.70 -10.20 -26.59
C SER B 25 -15.17 -10.14 -26.23
N THR B 26 -15.71 -11.30 -25.81
CA THR B 26 -17.07 -11.36 -25.29
C THR B 26 -17.19 -10.84 -23.87
N VAL B 27 -16.07 -10.56 -23.19
CA VAL B 27 -16.08 -9.99 -21.85
C VAL B 27 -15.21 -8.76 -21.84
N ALA B 28 -15.41 -7.92 -20.82
CA ALA B 28 -14.67 -6.68 -20.63
C ALA B 28 -14.00 -6.76 -19.26
N ASN B 29 -12.81 -7.35 -19.22
CA ASN B 29 -12.09 -7.55 -17.97
C ASN B 29 -11.27 -6.31 -17.62
N ASP B 30 -11.37 -5.88 -16.36
CA ASP B 30 -10.49 -4.85 -15.82
C ASP B 30 -9.19 -5.52 -15.41
N VAL B 31 -8.12 -5.28 -16.19
CA VAL B 31 -6.85 -5.97 -15.97
C VAL B 31 -5.92 -5.18 -15.06
N ARG B 32 -6.39 -4.07 -14.49
CA ARG B 32 -5.55 -3.27 -13.59
C ARG B 32 -5.27 -3.98 -12.27
N LYS B 33 -6.14 -4.91 -11.86
CA LYS B 33 -6.02 -5.47 -10.52
C LYS B 33 -4.96 -6.56 -10.42
N TYR B 34 -4.67 -7.25 -11.51
CA TYR B 34 -3.79 -8.41 -11.46
C TYR B 34 -2.35 -7.99 -11.22
N SER B 35 -1.67 -8.76 -10.36
CA SER B 35 -0.23 -8.61 -10.16
C SER B 35 0.57 -9.82 -10.64
N VAL B 36 -0.08 -10.97 -10.82
CA VAL B 36 0.55 -12.17 -11.37
C VAL B 36 -0.41 -12.79 -12.37
N VAL B 37 0.12 -13.23 -13.51
CA VAL B 37 -0.65 -13.94 -14.52
C VAL B 37 0.10 -15.21 -14.88
N SER B 38 -0.56 -16.07 -15.66
CA SER B 38 0.01 -17.35 -16.06
C SER B 38 -0.20 -17.58 -17.54
N VAL B 39 0.85 -18.05 -18.21
CA VAL B 39 0.81 -18.40 -19.63
C VAL B 39 1.39 -19.80 -19.76
N TYR B 40 0.55 -20.77 -20.15
CA TYR B 40 0.93 -22.17 -20.25
C TYR B 40 1.47 -22.69 -18.92
N ASN B 41 0.72 -22.40 -17.85
CA ASN B 41 1.04 -22.86 -16.49
C ASN B 41 2.40 -22.38 -16.01
N LYS B 42 2.83 -21.21 -16.47
CA LYS B 42 4.02 -20.54 -15.95
C LYS B 42 3.63 -19.16 -15.47
N LYS B 43 4.02 -18.83 -14.24
CA LYS B 43 3.63 -17.58 -13.60
C LYS B 43 4.57 -16.45 -13.97
N TYR B 44 4.02 -15.24 -14.09
CA TYR B 44 4.79 -14.05 -14.41
C TYR B 44 4.24 -12.86 -13.64
N ASN B 45 5.14 -11.99 -13.20
CA ASN B 45 4.76 -10.82 -12.41
C ASN B 45 4.41 -9.64 -13.30
N ILE B 46 3.35 -8.93 -12.92
CA ILE B 46 3.02 -7.66 -13.57
C ILE B 46 3.98 -6.58 -13.08
N VAL B 47 4.49 -5.78 -14.01
CA VAL B 47 5.39 -4.68 -13.65
C VAL B 47 4.60 -3.61 -12.93
N LYS B 48 5.22 -3.01 -11.91
CA LYS B 48 4.57 -1.97 -11.11
C LYS B 48 5.02 -0.60 -11.61
N ASN B 49 4.05 0.31 -11.77
CA ASN B 49 4.28 1.72 -12.07
C ASN B 49 4.92 1.94 -13.44
N LYS B 50 4.81 0.98 -14.35
CA LYS B 50 5.26 1.17 -15.72
C LYS B 50 4.41 0.32 -16.65
N TYR B 51 3.99 0.89 -17.77
CA TYR B 51 2.97 0.29 -18.61
C TYR B 51 3.41 0.26 -20.07
N MET B 52 2.53 -0.23 -20.94
CA MET B 52 2.79 -0.30 -22.37
C MET B 52 1.66 0.41 -23.10
N TRP B 53 2.00 1.37 -23.96
CA TRP B 53 0.99 2.00 -24.80
C TRP B 53 0.80 1.12 -26.04
N CYS B 54 -0.38 0.52 -26.16
CA CYS B 54 -0.67 -0.39 -27.26
C CYS B 54 -1.87 0.13 -28.05
N ASN B 55 -1.91 -0.22 -29.33
CA ASN B 55 -3.02 0.19 -30.17
C ASN B 55 -3.25 -0.83 -31.27
N SER B 56 -4.50 -1.03 -31.64
CA SER B 56 -4.85 -1.65 -32.90
C SER B 56 -5.63 -0.63 -33.73
N GLN B 57 -5.55 -0.79 -35.05
CA GLN B 57 -6.22 0.08 -35.99
C GLN B 57 -7.01 -0.81 -36.94
N VAL B 58 -8.33 -0.84 -36.77
CA VAL B 58 -9.21 -1.76 -37.48
C VAL B 58 -10.38 -0.96 -38.03
N ASN B 59 -10.78 -1.25 -39.25
CA ASN B 59 -11.74 -0.44 -40.00
C ASN B 59 -11.09 0.95 -40.12
N LYS B 60 -11.76 2.03 -39.76
CA LYS B 60 -11.14 3.34 -39.65
C LYS B 60 -11.13 3.81 -38.19
N ARG B 61 -10.84 2.90 -37.27
CA ARG B 61 -10.98 3.13 -35.83
C ARG B 61 -9.66 2.84 -35.13
N TYR B 62 -9.22 3.79 -34.29
CA TYR B 62 -8.01 3.64 -33.49
C TYR B 62 -8.40 3.31 -32.06
N ILE B 63 -7.77 2.26 -31.51
CA ILE B 63 -8.07 1.75 -30.18
C ILE B 63 -6.75 1.69 -29.43
N GLY B 64 -6.46 2.72 -28.63
CA GLY B 64 -5.19 2.81 -27.94
C GLY B 64 -5.37 3.00 -26.45
N ALA B 65 -4.44 2.44 -25.69
CA ALA B 65 -4.53 2.52 -24.23
C ALA B 65 -3.20 2.15 -23.60
N LEU B 66 -3.02 2.65 -22.38
CA LEU B 66 -1.93 2.20 -21.50
C LEU B 66 -2.36 0.90 -20.83
N LEU B 67 -1.57 -0.16 -21.02
CA LEU B 67 -1.93 -1.48 -20.51
C LEU B 67 -0.90 -1.94 -19.49
N PRO B 68 -1.31 -2.75 -18.51
CA PRO B 68 -0.31 -3.45 -17.69
C PRO B 68 0.53 -4.37 -18.55
N MET B 69 1.72 -4.70 -18.05
CA MET B 69 2.59 -5.63 -18.74
C MET B 69 3.28 -6.52 -17.73
N PHE B 70 3.52 -7.77 -18.13
CA PHE B 70 4.23 -8.72 -17.29
C PHE B 70 5.57 -9.08 -17.91
N GLU B 71 6.51 -9.47 -17.05
CA GLU B 71 7.88 -9.76 -17.46
C GLU B 71 8.02 -11.25 -17.69
N CYS B 72 8.52 -11.62 -18.87
CA CYS B 72 8.59 -13.02 -19.27
C CYS B 72 9.79 -13.19 -20.20
N ASN B 73 10.72 -14.06 -19.80
CA ASN B 73 11.91 -14.31 -20.61
C ASN B 73 11.63 -15.25 -21.78
N GLU B 74 10.61 -16.09 -21.67
CA GLU B 74 10.22 -16.95 -22.78
C GLU B 74 9.62 -16.11 -23.91
N TYR B 75 9.76 -16.59 -25.13
CA TYR B 75 9.10 -15.95 -26.27
C TYR B 75 7.66 -16.43 -26.34
N LEU B 76 6.72 -15.48 -26.28
CA LEU B 76 5.30 -15.76 -26.43
C LEU B 76 4.80 -15.19 -27.75
N GLN B 77 3.74 -15.79 -28.27
CA GLN B 77 3.21 -15.42 -29.58
C GLN B 77 1.79 -14.91 -29.45
N ILE B 78 1.40 -14.06 -30.42
CA ILE B 78 0.05 -13.51 -30.45
C ILE B 78 -0.98 -14.63 -30.36
N GLY B 79 -1.95 -14.46 -29.46
CA GLY B 79 -3.01 -15.42 -29.29
C GLY B 79 -2.80 -16.38 -28.13
N ASP B 80 -1.58 -16.47 -27.60
CA ASP B 80 -1.33 -17.35 -26.46
C ASP B 80 -2.25 -16.94 -25.31
N PRO B 81 -3.01 -17.88 -24.74
CA PRO B 81 -3.95 -17.51 -23.68
C PRO B 81 -3.23 -17.08 -22.41
N ILE B 82 -3.74 -16.00 -21.80
CA ILE B 82 -3.24 -15.51 -20.52
C ILE B 82 -4.31 -15.78 -19.47
N HIS B 83 -3.91 -16.35 -18.34
CA HIS B 83 -4.84 -16.77 -17.30
C HIS B 83 -4.53 -16.07 -15.99
N ASP B 84 -5.53 -15.99 -15.13
CA ASP B 84 -5.31 -15.61 -13.74
C ASP B 84 -4.81 -16.83 -12.96
N LEU B 85 -4.54 -16.63 -11.67
CA LEU B 85 -4.06 -17.74 -10.85
C LEU B 85 -5.16 -18.73 -10.48
N GLU B 86 -6.40 -18.46 -10.86
CA GLU B 86 -7.53 -19.34 -10.56
C GLU B 86 -7.93 -20.21 -11.75
N GLY B 87 -7.21 -20.13 -12.87
CA GLY B 87 -7.51 -20.94 -14.02
C GLY B 87 -8.44 -20.33 -15.04
N ASN B 88 -8.82 -19.06 -14.87
CA ASN B 88 -9.68 -18.37 -15.82
C ASN B 88 -8.85 -17.64 -16.85
N GLN B 89 -9.23 -17.75 -18.12
CA GLN B 89 -8.58 -16.99 -19.17
C GLN B 89 -9.07 -15.55 -19.12
N ILE B 90 -8.14 -14.60 -19.01
CA ILE B 90 -8.49 -13.19 -18.89
C ILE B 90 -8.09 -12.37 -20.11
N SER B 91 -7.22 -12.87 -20.96
CA SER B 91 -6.70 -12.10 -22.09
C SER B 91 -5.96 -13.05 -23.04
N ILE B 92 -5.33 -12.48 -24.06
CA ILE B 92 -4.44 -13.21 -24.95
C ILE B 92 -3.21 -12.35 -25.20
N VAL B 93 -2.08 -13.00 -25.51
CA VAL B 93 -0.87 -12.26 -25.83
C VAL B 93 -1.11 -11.40 -27.07
N THR B 94 -0.66 -10.15 -27.01
CA THR B 94 -0.87 -9.22 -28.12
C THR B 94 0.41 -8.50 -28.52
N TYR B 95 1.00 -7.75 -27.59
CA TYR B 95 2.13 -6.87 -27.88
C TYR B 95 3.29 -7.17 -26.94
N ARG B 96 4.49 -6.86 -27.41
N ARG B 96 4.50 -6.89 -27.42
CA ARG B 96 5.73 -7.19 -26.71
CA ARG B 96 5.70 -7.16 -26.64
C ARG B 96 6.73 -6.05 -26.83
C ARG B 96 6.70 -6.03 -26.82
N HIS B 97 7.50 -5.82 -25.76
CA HIS B 97 8.63 -4.91 -25.78
C HIS B 97 9.76 -5.65 -25.07
N LYS B 98 10.66 -6.26 -25.85
CA LYS B 98 11.71 -7.11 -25.30
C LYS B 98 11.09 -8.20 -24.43
N ASN B 99 11.30 -8.14 -23.12
CA ASN B 99 10.75 -9.14 -22.21
C ASN B 99 9.45 -8.70 -21.54
N TYR B 100 8.88 -7.56 -21.95
CA TYR B 100 7.60 -7.10 -21.43
C TYR B 100 6.49 -7.49 -22.38
N TYR B 101 5.38 -8.00 -21.82
CA TYR B 101 4.22 -8.41 -22.59
C TYR B 101 2.97 -7.72 -22.08
N ALA B 102 2.25 -7.05 -22.97
CA ALA B 102 1.04 -6.34 -22.59
C ALA B 102 -0.05 -7.30 -22.11
N LEU B 103 -0.83 -6.85 -21.14
CA LEU B 103 -2.04 -7.54 -20.68
C LEU B 103 -3.21 -6.68 -21.11
N SER B 104 -3.89 -7.08 -22.19
CA SER B 104 -4.87 -6.22 -22.83
C SER B 104 -6.26 -6.45 -22.28
N GLY B 105 -7.01 -5.36 -22.15
CA GLY B 105 -8.30 -5.32 -21.49
C GLY B 105 -8.61 -3.89 -21.11
N ILE B 106 -9.49 -3.72 -20.13
CA ILE B 106 -9.68 -2.38 -19.55
C ILE B 106 -8.44 -2.04 -18.73
N GLY B 107 -7.70 -1.03 -19.18
CA GLY B 107 -6.48 -0.65 -18.50
C GLY B 107 -6.51 0.76 -17.95
N TYR B 108 -5.44 1.52 -18.20
CA TYR B 108 -5.36 2.88 -17.69
C TYR B 108 -5.81 3.88 -18.76
N GLU B 109 -5.08 4.97 -18.94
CA GLU B 109 -5.55 6.02 -19.84
C GLU B 109 -5.67 5.50 -21.27
N SER B 110 -6.66 6.01 -22.00
CA SER B 110 -7.02 5.48 -23.30
C SER B 110 -7.26 6.61 -24.29
N LEU B 111 -7.14 6.26 -25.57
CA LEU B 111 -7.44 7.16 -26.68
C LEU B 111 -8.20 6.36 -27.73
N ASP B 112 -9.43 6.77 -28.01
CA ASP B 112 -10.24 6.21 -29.09
C ASP B 112 -10.45 7.30 -30.12
N LEU B 113 -10.29 6.97 -31.41
CA LEU B 113 -10.31 8.01 -32.41
C LEU B 113 -10.81 7.47 -33.75
N CYS B 114 -11.64 8.27 -34.42
CA CYS B 114 -12.01 8.03 -35.81
C CYS B 114 -10.86 8.50 -36.69
N LEU B 115 -10.20 7.56 -37.36
CA LEU B 115 -9.03 7.87 -38.17
C LEU B 115 -9.36 8.52 -39.50
N GLU B 116 -10.65 8.75 -39.79
CA GLU B 116 -11.05 9.32 -41.06
C GLU B 116 -10.50 10.73 -41.23
N GLY B 117 -9.60 10.92 -42.19
CA GLY B 117 -9.08 12.23 -42.51
C GLY B 117 -7.92 12.70 -41.68
N VAL B 118 -7.42 11.87 -40.75
CA VAL B 118 -6.26 12.22 -39.95
C VAL B 118 -5.31 11.03 -39.89
N GLY B 119 -4.06 11.32 -39.54
CA GLY B 119 -3.08 10.30 -39.24
C GLY B 119 -2.75 10.30 -37.77
N ILE B 120 -2.02 9.27 -37.35
CA ILE B 120 -1.58 9.14 -35.97
C ILE B 120 -0.21 8.49 -35.95
N HIS B 121 0.66 8.98 -35.07
CA HIS B 121 2.06 8.56 -35.03
C HIS B 121 2.50 8.40 -33.58
N HIS B 122 3.39 7.43 -33.35
CA HIS B 122 3.85 7.08 -32.01
C HIS B 122 5.35 7.31 -31.89
N HIS B 123 5.76 7.94 -30.79
CA HIS B 123 7.16 8.29 -30.56
C HIS B 123 7.60 7.88 -29.17
N VAL B 124 8.87 7.46 -29.07
CA VAL B 124 9.51 7.28 -27.77
C VAL B 124 10.05 8.63 -27.33
N LEU B 125 9.56 9.13 -26.21
CA LEU B 125 9.96 10.43 -25.70
C LEU B 125 11.25 10.29 -24.89
N GLU B 126 12.30 10.96 -25.33
CA GLU B 126 13.58 10.92 -24.64
C GLU B 126 13.50 11.62 -23.29
N THR B 127 14.06 10.99 -22.27
CA THR B 127 14.08 11.60 -20.94
C THR B 127 14.78 12.95 -20.98
N GLY B 128 14.12 13.96 -20.42
CA GLY B 128 14.63 15.31 -20.44
C GLY B 128 14.22 16.15 -21.63
N ASN B 129 13.67 15.53 -22.68
CA ASN B 129 13.25 16.27 -23.85
C ASN B 129 11.89 16.93 -23.61
N ALA B 130 11.62 17.96 -24.40
CA ALA B 130 10.32 18.61 -24.43
C ALA B 130 9.64 18.29 -25.76
N VAL B 131 8.34 18.55 -25.82
CA VAL B 131 7.53 18.29 -27.00
C VAL B 131 6.87 19.59 -27.44
N TYR B 132 6.88 19.84 -28.75
CA TYR B 132 5.94 20.77 -29.36
C TYR B 132 5.40 20.15 -30.62
N GLY B 133 4.07 20.04 -30.70
CA GLY B 133 3.43 19.57 -31.91
C GLY B 133 3.87 18.18 -32.34
N LYS B 134 4.63 18.11 -33.43
CA LYS B 134 5.06 16.83 -33.99
C LYS B 134 6.54 16.53 -33.74
N VAL B 135 7.22 17.28 -32.87
CA VAL B 135 8.63 17.04 -32.63
C VAL B 135 8.95 17.06 -31.14
N GLN B 136 10.03 16.38 -30.79
CA GLN B 136 10.67 16.48 -29.49
C GLN B 136 12.09 17.01 -29.69
N HIS B 137 12.61 17.67 -28.65
CA HIS B 137 13.98 18.18 -28.65
C HIS B 137 14.30 18.68 -27.25
N GLU B 138 15.48 19.28 -27.11
CA GLU B 138 15.86 19.90 -25.85
C GLU B 138 14.91 21.06 -25.54
N TYR B 139 14.76 21.36 -24.24
CA TYR B 139 13.77 22.34 -23.81
C TYR B 139 13.93 23.68 -24.51
N SER B 140 15.16 24.22 -24.52
CA SER B 140 15.36 25.54 -25.12
C SER B 140 15.11 25.53 -26.61
N THR B 141 15.43 24.41 -27.29
CA THR B 141 15.13 24.30 -28.71
C THR B 141 13.62 24.26 -28.96
N ILE B 142 12.90 23.47 -28.15
CA ILE B 142 11.45 23.40 -28.30
C ILE B 142 10.80 24.75 -27.98
N LYS B 143 11.35 25.48 -27.01
CA LYS B 143 10.82 26.81 -26.71
C LYS B 143 10.90 27.72 -27.92
N GLU B 144 11.98 27.62 -28.70
CA GLU B 144 12.13 28.43 -29.89
C GLU B 144 11.18 27.97 -30.99
N LYS B 145 11.09 26.66 -31.21
CA LYS B 145 10.16 26.14 -32.21
C LYS B 145 8.73 26.55 -31.91
N ALA B 146 8.34 26.51 -30.63
CA ALA B 146 7.02 27.00 -30.25
C ALA B 146 6.88 28.48 -30.55
N LYS B 147 7.96 29.25 -30.38
CA LYS B 147 7.90 30.69 -30.63
C LYS B 147 7.79 30.98 -32.12
N GLU B 148 8.49 30.22 -32.95
CA GLU B 148 8.35 30.39 -34.40
C GLU B 148 6.95 30.05 -34.87
N MET B 149 6.27 29.13 -34.18
CA MET B 149 4.95 28.65 -34.59
C MET B 149 3.81 29.46 -33.96
N ASN B 150 4.10 30.20 -32.88
CA ASN B 150 3.03 30.83 -32.11
C ASN B 150 2.27 31.88 -32.90
N ALA B 151 2.91 32.47 -33.92
CA ALA B 151 2.25 33.52 -34.69
C ALA B 151 1.18 32.96 -35.62
N LEU B 152 1.40 31.75 -36.16
CA LEU B 152 0.56 31.23 -37.22
C LEU B 152 -0.90 31.09 -36.78
N LYS B 153 -1.79 31.16 -37.77
CA LYS B 153 -3.19 30.83 -37.53
C LYS B 153 -3.37 29.33 -37.59
N PRO B 154 -4.06 28.73 -36.61
CA PRO B 154 -4.18 27.26 -36.60
C PRO B 154 -5.10 26.78 -37.71
N GLY B 155 -4.59 25.85 -38.52
CA GLY B 155 -5.40 25.15 -39.48
C GLY B 155 -6.08 23.96 -38.82
N PRO B 156 -6.78 23.15 -39.62
CA PRO B 156 -7.47 21.98 -39.05
C PRO B 156 -6.49 20.92 -38.59
N ILE B 157 -6.92 20.16 -37.58
CA ILE B 157 -6.17 18.98 -37.14
C ILE B 157 -6.01 18.03 -38.31
N ILE B 158 -4.78 17.59 -38.57
CA ILE B 158 -4.60 16.48 -39.51
C ILE B 158 -3.84 15.31 -38.92
N ASP B 159 -3.15 15.47 -37.78
CA ASP B 159 -2.35 14.37 -37.27
C ASP B 159 -2.39 14.36 -35.75
N TYR B 160 -2.38 13.15 -35.20
CA TYR B 160 -2.21 12.91 -33.78
C TYR B 160 -0.81 12.37 -33.55
N HIS B 161 -0.18 12.77 -32.46
CA HIS B 161 1.16 12.31 -32.10
C HIS B 161 1.14 11.86 -30.66
N VAL B 162 1.53 10.61 -30.42
CA VAL B 162 1.52 10.01 -29.10
C VAL B 162 2.96 9.90 -28.63
N TRP B 163 3.25 10.49 -27.46
CA TRP B 163 4.60 10.60 -26.92
C TRP B 163 4.67 9.75 -25.66
N ILE B 164 5.47 8.68 -25.69
CA ILE B 164 5.51 7.70 -24.62
C ILE B 164 6.86 7.84 -23.92
N GLY B 165 6.83 8.33 -22.67
CA GLY B 165 8.03 8.55 -21.91
C GLY B 165 8.05 7.73 -20.62
N ASP B 166 9.21 7.73 -19.96
CA ASP B 166 9.39 6.95 -18.76
C ASP B 166 8.73 7.56 -17.53
N CYS B 167 8.33 8.83 -17.58
CA CYS B 167 7.62 9.47 -16.49
C CYS B 167 6.26 10.00 -16.89
N VAL B 168 6.07 10.38 -18.16
CA VAL B 168 4.84 11.01 -18.62
C VAL B 168 4.56 10.53 -20.03
N CYS B 169 3.28 10.48 -20.39
CA CYS B 169 2.84 10.24 -21.76
C CYS B 169 1.99 11.42 -22.20
N GLN B 170 2.11 11.80 -23.46
CA GLN B 170 1.36 12.93 -23.97
C GLN B 170 0.79 12.63 -25.35
N VAL B 171 -0.32 13.30 -25.66
CA VAL B 171 -0.97 13.25 -26.97
C VAL B 171 -1.08 14.68 -27.47
N THR B 172 -0.56 14.94 -28.67
CA THR B 172 -0.70 16.24 -29.31
C THR B 172 -1.39 16.09 -30.65
N THR B 173 -2.06 17.15 -31.08
CA THR B 173 -2.61 17.28 -32.42
C THR B 173 -1.97 18.47 -33.12
N VAL B 174 -1.80 18.35 -34.44
CA VAL B 174 -1.14 19.38 -35.23
C VAL B 174 -1.94 19.64 -36.51
N ASP B 175 -1.70 20.83 -37.08
CA ASP B 175 -2.22 21.15 -38.40
C ASP B 175 -1.16 20.84 -39.45
N VAL B 176 -1.34 21.38 -40.67
CA VAL B 176 -0.45 21.05 -41.78
C VAL B 176 0.95 21.57 -41.53
N HIS B 177 1.10 22.65 -40.77
CA HIS B 177 2.40 23.24 -40.53
C HIS B 177 3.16 22.53 -39.41
N GLY B 178 2.45 21.76 -38.59
CA GLY B 178 3.02 21.26 -37.35
C GLY B 178 2.68 22.09 -36.15
N LYS B 179 1.81 23.09 -36.28
CA LYS B 179 1.39 23.89 -35.14
C LYS B 179 0.53 23.05 -34.20
N GLU B 180 0.81 23.17 -32.91
CA GLU B 180 0.12 22.38 -31.90
C GLU B 180 -1.26 22.95 -31.64
N ILE B 181 -2.30 22.13 -31.80
CA ILE B 181 -3.67 22.54 -31.56
C ILE B 181 -4.02 22.23 -30.11
N MET B 182 -3.86 20.96 -29.75
CA MET B 182 -4.24 20.49 -28.43
C MET B 182 -3.16 19.55 -27.92
N ARG B 183 -2.93 19.61 -26.61
CA ARG B 183 -1.99 18.71 -25.97
C ARG B 183 -2.64 18.08 -24.77
N MET B 184 -2.49 16.79 -24.64
CA MET B 184 -2.95 16.17 -23.43
C MET B 184 -1.86 15.32 -22.78
N ARG B 185 -1.71 15.43 -21.46
CA ARG B 185 -0.71 14.68 -20.72
C ARG B 185 -1.34 13.65 -19.78
N PHE B 186 -0.84 12.42 -19.83
CA PHE B 186 -1.13 11.38 -18.85
C PHE B 186 0.08 11.20 -17.95
N LYS B 187 -0.15 11.22 -16.63
CA LYS B 187 0.97 11.18 -15.68
C LYS B 187 1.32 9.75 -15.27
N ARG B 188 1.78 8.98 -16.27
CA ARG B 188 2.21 7.61 -16.06
C ARG B 188 3.37 7.33 -17.01
N GLY B 189 4.29 6.46 -16.58
CA GLY B 189 5.44 6.07 -17.39
C GLY B 189 5.19 4.77 -18.13
N ALA B 190 5.77 4.67 -19.33
CA ALA B 190 5.41 3.55 -20.20
C ALA B 190 6.46 3.34 -21.27
N VAL B 191 6.33 2.22 -21.99
CA VAL B 191 7.13 1.90 -23.16
C VAL B 191 6.18 1.63 -24.34
N LEU B 192 6.77 1.62 -25.55
CA LEU B 192 6.03 1.25 -26.75
C LEU B 192 6.41 -0.15 -27.21
N PRO B 193 5.48 -0.89 -27.83
CA PRO B 193 5.83 -2.20 -28.37
C PRO B 193 6.94 -2.10 -29.40
N ILE B 194 7.68 -3.18 -29.55
CA ILE B 194 8.72 -3.29 -30.58
C ILE B 194 8.31 -4.43 -31.51
N PRO B 195 7.89 -4.13 -32.75
CA PRO B 195 7.40 -5.13 -33.70
C PRO B 195 8.44 -6.20 -34.03
N MET C 2 -12.72 -16.75 31.67
CA MET C 2 -12.13 -15.76 32.56
C MET C 2 -11.90 -14.44 31.84
N ALA C 3 -11.01 -13.62 32.39
CA ALA C 3 -10.68 -12.35 31.77
C ALA C 3 -9.87 -12.57 30.49
N MET C 4 -10.23 -11.85 29.44
CA MET C 4 -9.55 -11.95 28.15
C MET C 4 -8.70 -10.71 27.91
N PHE C 5 -7.54 -10.91 27.27
CA PHE C 5 -6.62 -9.83 26.95
C PHE C 5 -6.16 -10.02 25.52
N TYR C 6 -6.45 -9.03 24.67
CA TYR C 6 -6.09 -9.07 23.26
C TYR C 6 -5.04 -8.01 22.95
N ALA C 7 -4.03 -8.38 22.16
CA ALA C 7 -2.90 -7.51 21.86
C ALA C 7 -3.19 -6.68 20.62
N HIS C 8 -3.03 -5.35 20.77
CA HIS C 8 -3.23 -4.46 19.63
C HIS C 8 -2.23 -4.72 18.51
N ALA C 9 -1.03 -5.19 18.85
CA ALA C 9 -0.03 -5.50 17.84
C ALA C 9 -0.46 -6.65 16.94
N PHE C 10 -1.38 -7.51 17.42
CA PHE C 10 -1.86 -8.66 16.67
C PHE C 10 -3.28 -8.43 16.15
N GLY C 11 -3.67 -7.17 15.98
CA GLY C 11 -4.99 -6.85 15.48
C GLY C 11 -6.10 -7.06 16.48
N GLY C 12 -5.78 -7.10 17.77
CA GLY C 12 -6.77 -7.40 18.80
C GLY C 12 -7.58 -6.25 19.31
N TYR C 13 -7.42 -5.04 18.76
CA TYR C 13 -8.20 -3.91 19.23
C TYR C 13 -9.68 -4.15 18.98
N ASP C 14 -10.50 -3.86 19.99
CA ASP C 14 -11.95 -3.96 19.85
C ASP C 14 -12.53 -2.80 20.66
N GLU C 15 -13.19 -1.86 19.96
CA GLU C 15 -13.64 -0.64 20.60
C GLU C 15 -14.65 -0.86 21.71
N ASN C 16 -15.29 -2.02 21.77
CA ASN C 16 -16.30 -2.29 22.77
C ASN C 16 -15.71 -2.90 24.05
N LEU C 17 -14.41 -3.16 24.09
CA LEU C 17 -13.71 -3.59 25.28
C LEU C 17 -12.89 -2.44 25.86
N HIS C 18 -12.44 -2.62 27.10
CA HIS C 18 -11.59 -1.62 27.74
C HIS C 18 -10.28 -1.49 26.97
N ALA C 19 -9.81 -0.26 26.84
CA ALA C 19 -8.62 0.04 26.05
C ALA C 19 -7.51 0.56 26.96
N PHE C 20 -6.37 -0.10 26.89
CA PHE C 20 -5.14 0.32 27.54
C PHE C 20 -4.02 0.23 26.51
N PRO C 21 -2.86 0.88 26.76
CA PRO C 21 -1.75 0.75 25.81
C PRO C 21 -1.44 -0.70 25.46
N GLY C 22 -1.60 -1.05 24.19
CA GLY C 22 -1.30 -2.36 23.69
C GLY C 22 -2.29 -3.46 24.02
N ILE C 23 -3.41 -3.14 24.68
CA ILE C 23 -4.33 -4.17 25.18
C ILE C 23 -5.78 -3.71 25.01
N SER C 24 -6.62 -4.60 24.48
CA SER C 24 -8.07 -4.55 24.67
C SER C 24 -8.46 -5.72 25.55
N SER C 25 -9.25 -5.45 26.60
CA SER C 25 -9.51 -6.46 27.62
C SER C 25 -10.98 -6.40 28.05
N THR C 26 -11.48 -7.55 28.51
CA THR C 26 -12.82 -7.64 29.07
C THR C 26 -12.89 -7.18 30.51
N VAL C 27 -11.75 -6.90 31.13
CA VAL C 27 -11.69 -6.36 32.49
C VAL C 27 -10.79 -5.13 32.48
N ALA C 28 -10.94 -4.30 33.50
CA ALA C 28 -10.17 -3.07 33.66
C ALA C 28 -9.45 -3.15 35.01
N ASN C 29 -8.26 -3.72 35.01
CA ASN C 29 -7.50 -3.94 36.24
C ASN C 29 -6.65 -2.72 36.56
N ASP C 30 -6.72 -2.27 37.81
CA ASP C 30 -5.83 -1.23 38.31
C ASP C 30 -4.51 -1.89 38.70
N VAL C 31 -3.46 -1.64 37.94
CA VAL C 31 -2.20 -2.35 38.09
C VAL C 31 -1.21 -1.57 38.97
N ARG C 32 -1.65 -0.45 39.56
CA ARG C 32 -0.75 0.33 40.40
C ARG C 32 -0.37 -0.37 41.69
N LYS C 33 -1.20 -1.30 42.16
CA LYS C 33 -0.99 -1.89 43.49
C LYS C 33 0.05 -3.00 43.51
N TYR C 34 0.37 -3.60 42.37
CA TYR C 34 1.25 -4.75 42.34
C TYR C 34 2.70 -4.34 42.54
N SER C 35 3.41 -5.09 43.38
CA SER C 35 4.85 -4.96 43.52
C SER C 35 5.62 -6.16 42.99
N VAL C 36 4.96 -7.31 42.84
CA VAL C 36 5.55 -8.50 42.23
C VAL C 36 4.55 -9.08 41.25
N VAL C 37 5.05 -9.58 40.11
CA VAL C 37 4.24 -10.28 39.13
C VAL C 37 4.98 -11.53 38.71
N SER C 38 4.28 -12.37 37.94
CA SER C 38 4.86 -13.63 37.50
C SER C 38 4.51 -13.89 36.03
N VAL C 39 5.52 -14.30 35.27
CA VAL C 39 5.37 -14.68 33.87
C VAL C 39 5.97 -16.07 33.71
N TYR C 40 5.13 -17.04 33.35
CA TYR C 40 5.56 -18.43 33.20
C TYR C 40 6.23 -18.94 34.48
N ASN C 41 5.56 -18.67 35.60
CA ASN C 41 5.97 -19.17 36.92
C ASN C 41 7.33 -18.65 37.36
N LYS C 42 7.70 -17.46 36.88
CA LYS C 42 8.91 -16.77 37.33
C LYS C 42 8.53 -15.40 37.85
N LYS C 43 8.98 -15.08 39.07
CA LYS C 43 8.57 -13.87 39.76
C LYS C 43 9.47 -12.70 39.37
N TYR C 44 8.87 -11.52 39.25
CA TYR C 44 9.61 -10.31 38.87
C TYR C 44 9.11 -9.13 39.70
N ASN C 45 10.05 -8.27 40.09
CA ASN C 45 9.73 -7.12 40.93
C ASN C 45 9.33 -5.91 40.09
N ILE C 46 8.32 -5.19 40.56
CA ILE C 46 7.94 -3.92 39.95
C ILE C 46 8.92 -2.85 40.38
N VAL C 47 9.38 -2.04 39.43
CA VAL C 47 10.28 -0.93 39.75
C VAL C 47 9.51 0.13 40.51
N LYS C 48 10.12 0.66 41.56
CA LYS C 48 9.49 1.72 42.35
C LYS C 48 9.88 3.09 41.84
N ASN C 49 8.88 3.97 41.71
CA ASN C 49 9.05 5.39 41.42
C ASN C 49 9.65 5.66 40.05
N LYS C 50 9.58 4.71 39.13
CA LYS C 50 9.91 4.94 37.73
C LYS C 50 9.01 4.07 36.87
N TYR C 51 8.57 4.61 35.74
CA TYR C 51 7.47 4.04 34.96
C TYR C 51 7.85 4.00 33.48
N MET C 52 6.90 3.57 32.66
CA MET C 52 7.06 3.52 31.20
C MET C 52 5.89 4.21 30.54
N TRP C 53 6.18 5.19 29.70
CA TRP C 53 5.13 5.80 28.88
C TRP C 53 4.91 4.93 27.65
N CYS C 54 3.75 4.27 27.59
CA CYS C 54 3.42 3.39 26.49
C CYS C 54 2.19 3.94 25.76
N ASN C 55 2.08 3.59 24.48
CA ASN C 55 0.91 3.99 23.70
C ASN C 55 0.65 2.97 22.61
N SER C 56 -0.63 2.82 22.26
CA SER C 56 -1.02 2.19 21.01
C SER C 56 -1.86 3.18 20.22
N GLN C 57 -1.81 3.06 18.90
CA GLN C 57 -2.54 3.94 18.00
C GLN C 57 -3.37 3.06 17.07
N VAL C 58 -4.69 3.12 17.23
CA VAL C 58 -5.62 2.26 16.51
C VAL C 58 -6.86 3.09 16.15
N ASN C 59 -7.35 2.92 14.93
CA ASN C 59 -8.59 3.54 14.48
C ASN C 59 -8.58 5.05 14.72
N LYS C 60 -7.44 5.68 14.41
CA LYS C 60 -7.23 7.12 14.62
C LYS C 60 -7.39 7.52 16.08
N ARG C 61 -7.17 6.58 17.00
CA ARG C 61 -7.28 6.82 18.43
C ARG C 61 -5.94 6.57 19.09
N TYR C 62 -5.52 7.48 19.96
CA TYR C 62 -4.27 7.36 20.70
C TYR C 62 -4.59 6.97 22.14
N ILE C 63 -3.93 5.93 22.62
CA ILE C 63 -4.17 5.39 23.97
C ILE C 63 -2.81 5.37 24.66
N GLY C 64 -2.51 6.42 25.44
CA GLY C 64 -1.22 6.55 26.08
C GLY C 64 -1.35 6.64 27.59
N ALA C 65 -0.34 6.12 28.30
CA ALA C 65 -0.38 6.12 29.75
C ALA C 65 1.00 5.82 30.33
N LEU C 66 1.22 6.33 31.54
CA LEU C 66 2.36 5.91 32.36
C LEU C 66 2.01 4.60 33.05
N LEU C 67 2.80 3.56 32.79
CA LEU C 67 2.50 2.24 33.32
C LEU C 67 3.58 1.78 34.29
N PRO C 68 3.23 0.98 35.29
CA PRO C 68 4.25 0.28 36.06
C PRO C 68 5.04 -0.67 35.16
N MET C 69 6.23 -1.04 35.61
CA MET C 69 7.10 -1.89 34.83
C MET C 69 7.91 -2.79 35.76
N PHE C 70 8.08 -4.04 35.36
CA PHE C 70 8.86 -4.99 36.14
C PHE C 70 10.18 -5.28 35.46
N GLU C 71 11.16 -5.69 36.26
CA GLU C 71 12.51 -5.96 35.78
C GLU C 71 12.67 -7.46 35.51
N CYS C 72 13.11 -7.79 34.31
CA CYS C 72 13.23 -9.18 33.87
C CYS C 72 14.33 -9.26 32.83
N ASN C 73 15.35 -10.07 33.10
CA ASN C 73 16.46 -10.20 32.17
C ASN C 73 16.16 -11.17 31.03
N GLU C 74 15.12 -11.99 31.16
CA GLU C 74 14.72 -12.88 30.07
C GLU C 74 14.01 -12.07 28.99
N TYR C 75 14.05 -12.60 27.76
CA TYR C 75 13.27 -12.02 26.68
C TYR C 75 11.84 -12.53 26.75
N LEU C 76 10.90 -11.61 26.96
CA LEU C 76 9.48 -11.92 26.92
C LEU C 76 8.87 -11.37 25.64
N GLN C 77 7.84 -12.05 25.15
CA GLN C 77 7.23 -11.71 23.88
C GLN C 77 5.83 -11.15 24.09
N ILE C 78 5.39 -10.33 23.13
CA ILE C 78 4.06 -9.74 23.19
C ILE C 78 3.03 -10.84 23.32
N GLY C 79 2.11 -10.69 24.29
CA GLY C 79 1.06 -11.65 24.52
C GLY C 79 1.32 -12.62 25.65
N ASP C 80 2.57 -12.73 26.11
CA ASP C 80 2.86 -13.60 27.25
C ASP C 80 1.98 -13.20 28.44
N PRO C 81 1.27 -14.14 29.04
CA PRO C 81 0.39 -13.79 30.17
C PRO C 81 1.18 -13.31 31.37
N ILE C 82 0.69 -12.26 32.01
CA ILE C 82 1.23 -11.76 33.27
C ILE C 82 0.22 -12.07 34.37
N HIS C 83 0.69 -12.72 35.43
CA HIS C 83 -0.15 -13.12 36.54
C HIS C 83 0.27 -12.40 37.81
N ASP C 84 -0.67 -12.28 38.74
CA ASP C 84 -0.34 -11.88 40.10
C ASP C 84 0.22 -13.10 40.84
N LEU C 85 0.36 -12.99 42.16
CA LEU C 85 0.90 -14.09 42.94
C LEU C 85 -0.15 -15.15 43.26
N GLU C 86 -1.43 -14.82 43.12
CA GLU C 86 -2.50 -15.78 43.33
C GLU C 86 -2.74 -16.68 42.12
N GLY C 87 -2.12 -16.38 40.98
CA GLY C 87 -2.33 -17.16 39.77
C GLY C 87 -3.39 -16.61 38.85
N ASN C 88 -3.93 -15.42 39.11
CA ASN C 88 -4.88 -14.78 38.22
C ASN C 88 -4.14 -13.98 37.17
N GLN C 89 -4.61 -14.04 35.93
CA GLN C 89 -4.00 -13.26 34.86
C GLN C 89 -4.49 -11.82 34.94
N ILE C 90 -3.54 -10.88 34.98
CA ILE C 90 -3.86 -9.46 35.14
C ILE C 90 -3.54 -8.64 33.91
N SER C 91 -2.76 -9.17 32.96
CA SER C 91 -2.31 -8.40 31.80
C SER C 91 -1.61 -9.35 30.85
N ILE C 92 -1.06 -8.78 29.77
CA ILE C 92 -0.16 -9.47 28.87
C ILE C 92 1.05 -8.58 28.62
N VAL C 93 2.15 -9.21 28.21
CA VAL C 93 3.35 -8.45 27.86
C VAL C 93 3.06 -7.59 26.65
N THR C 94 3.50 -6.32 26.69
CA THR C 94 3.22 -5.40 25.61
C THR C 94 4.47 -4.68 25.13
N TYR C 95 5.08 -3.89 26.00
CA TYR C 95 6.19 -3.03 25.64
C TYR C 95 7.39 -3.34 26.53
N ARG C 96 8.58 -3.05 26.00
N ARG C 96 8.58 -3.05 26.01
CA ARG C 96 9.84 -3.36 26.67
CA ARG C 96 9.81 -3.34 26.74
C ARG C 96 10.80 -2.20 26.53
C ARG C 96 10.81 -2.22 26.54
N HIS C 97 11.59 -1.95 27.58
CA HIS C 97 12.73 -1.03 27.52
C HIS C 97 13.90 -1.79 28.14
N LYS C 98 14.70 -2.43 27.28
CA LYS C 98 15.81 -3.28 27.71
C LYS C 98 15.31 -4.37 28.65
N ASN C 99 15.61 -4.27 29.95
CA ASN C 99 15.16 -5.27 30.91
C ASN C 99 13.89 -4.84 31.66
N TYR C 100 13.27 -3.74 31.27
CA TYR C 100 12.01 -3.31 31.86
C TYR C 100 10.85 -3.72 30.96
N TYR C 101 9.77 -4.21 31.57
CA TYR C 101 8.57 -4.63 30.84
C TYR C 101 7.36 -3.93 31.43
N ALA C 102 6.60 -3.25 30.57
CA ALA C 102 5.41 -2.54 31.02
C ALA C 102 4.35 -3.53 31.52
N LEU C 103 3.61 -3.09 32.55
CA LEU C 103 2.45 -3.81 33.07
C LEU C 103 1.22 -2.97 32.70
N SER C 104 0.56 -3.35 31.61
CA SER C 104 -0.47 -2.50 31.04
C SER C 104 -1.84 -2.75 31.67
N GLY C 105 -2.52 -1.64 31.97
CA GLY C 105 -3.80 -1.67 32.66
C GLY C 105 -4.16 -0.24 33.04
N ILE C 106 -4.96 -0.10 34.10
CA ILE C 106 -5.15 1.23 34.67
C ILE C 106 -3.89 1.59 35.45
N GLY C 107 -3.15 2.58 34.97
CA GLY C 107 -1.92 2.97 35.61
C GLY C 107 -1.96 4.37 36.16
N TYR C 108 -0.93 5.16 35.87
CA TYR C 108 -0.87 6.53 36.36
C TYR C 108 -1.39 7.48 35.30
N GLU C 109 -0.70 8.61 35.08
CA GLU C 109 -1.21 9.62 34.17
C GLU C 109 -1.44 9.03 32.78
N SER C 110 -2.57 9.40 32.16
CA SER C 110 -2.99 8.85 30.89
C SER C 110 -3.42 9.97 29.95
N LEU C 111 -3.21 9.73 28.66
CA LEU C 111 -3.59 10.68 27.61
C LEU C 111 -4.34 9.92 26.52
N ASP C 112 -5.61 10.26 26.31
CA ASP C 112 -6.40 9.74 25.21
C ASP C 112 -6.66 10.88 24.23
N LEU C 113 -6.50 10.59 22.93
CA LEU C 113 -6.54 11.66 21.96
C LEU C 113 -7.05 11.16 20.61
N CYS C 114 -8.00 11.89 20.04
CA CYS C 114 -8.41 11.69 18.66
C CYS C 114 -7.33 12.23 17.72
N LEU C 115 -6.78 11.36 16.88
CA LEU C 115 -5.64 11.73 16.05
C LEU C 115 -6.06 12.37 14.72
N GLU C 116 -7.34 12.59 14.51
CA GLU C 116 -7.80 13.23 13.27
C GLU C 116 -7.17 14.62 13.13
N GLY C 117 -6.40 14.81 12.07
CA GLY C 117 -5.82 16.10 11.76
C GLY C 117 -4.62 16.52 12.59
N VAL C 118 -4.07 15.62 13.42
CA VAL C 118 -2.92 15.96 14.26
C VAL C 118 -1.93 14.79 14.29
N GLY C 119 -0.68 15.11 14.57
CA GLY C 119 0.34 14.11 14.81
C GLY C 119 0.74 14.09 16.27
N ILE C 120 1.39 13.00 16.69
CA ILE C 120 1.90 12.88 18.05
C ILE C 120 3.28 12.24 18.00
N HIS C 121 4.18 12.72 18.85
CA HIS C 121 5.59 12.36 18.79
C HIS C 121 6.12 12.22 20.20
N HIS C 122 7.08 11.30 20.37
CA HIS C 122 7.61 10.96 21.68
C HIS C 122 9.11 11.16 21.70
N HIS C 123 9.62 11.72 22.82
CA HIS C 123 11.02 12.07 22.96
C HIS C 123 11.52 11.69 24.35
N VAL C 124 12.78 11.27 24.41
CA VAL C 124 13.49 11.16 25.68
C VAL C 124 14.00 12.53 26.06
N LEU C 125 13.54 13.06 27.18
CA LEU C 125 13.96 14.39 27.62
C LEU C 125 15.28 14.29 28.36
N GLU C 126 16.32 14.92 27.82
CA GLU C 126 17.64 14.87 28.45
C GLU C 126 17.60 15.58 29.79
N THR C 127 18.18 14.94 30.81
CA THR C 127 18.25 15.56 32.14
C THR C 127 18.97 16.90 32.06
N GLY C 128 18.33 17.93 32.60
CA GLY C 128 18.86 19.28 32.53
C GLY C 128 18.40 20.10 31.34
N ASN C 129 17.77 19.48 30.36
CA ASN C 129 17.30 20.21 29.18
C ASN C 129 15.96 20.86 29.46
N ALA C 130 15.64 21.86 28.64
CA ALA C 130 14.35 22.51 28.63
C ALA C 130 13.64 22.20 27.32
N VAL C 131 12.34 22.50 27.29
CA VAL C 131 11.50 22.26 26.11
C VAL C 131 10.82 23.56 25.72
N TYR C 132 10.79 23.83 24.41
CA TYR C 132 9.83 24.76 23.84
C TYR C 132 9.18 24.09 22.64
N GLY C 133 7.85 24.05 22.64
CA GLY C 133 7.13 23.53 21.50
C GLY C 133 7.56 22.15 21.08
N LYS C 134 8.19 22.04 19.91
CA LYS C 134 8.56 20.74 19.36
C LYS C 134 10.05 20.43 19.50
N VAL C 135 10.81 21.21 20.26
CA VAL C 135 12.25 20.99 20.39
C VAL C 135 12.67 21.00 21.85
N GLN C 136 13.76 20.28 22.14
CA GLN C 136 14.46 20.37 23.41
C GLN C 136 15.89 20.82 23.16
N HIS C 137 16.48 21.49 24.15
CA HIS C 137 17.87 21.95 24.10
C HIS C 137 18.25 22.41 25.50
N GLU C 138 19.44 22.99 25.63
CA GLU C 138 19.83 23.53 26.92
C GLU C 138 18.93 24.71 27.31
N TYR C 139 18.91 24.99 28.62
CA TYR C 139 18.00 26.00 29.16
C TYR C 139 18.17 27.35 28.48
N SER C 140 19.42 27.80 28.30
CA SER C 140 19.63 29.12 27.74
C SER C 140 19.30 29.16 26.25
N THR C 141 19.54 28.07 25.53
CA THR C 141 19.12 27.99 24.14
C THR C 141 17.60 28.03 24.01
N ILE C 142 16.91 27.34 24.92
CA ILE C 142 15.44 27.31 24.87
C ILE C 142 14.86 28.65 25.30
N LYS C 143 15.46 29.30 26.31
CA LYS C 143 14.98 30.62 26.72
C LYS C 143 15.04 31.61 25.56
N GLU C 144 16.10 31.53 24.75
CA GLU C 144 16.19 32.38 23.57
C GLU C 144 15.13 32.01 22.54
N LYS C 145 14.94 30.71 22.30
CA LYS C 145 13.89 30.26 21.39
C LYS C 145 12.53 30.79 21.81
N ALA C 146 12.22 30.71 23.11
CA ALA C 146 10.91 31.17 23.59
C ALA C 146 10.71 32.66 23.39
N LYS C 147 11.79 33.44 23.43
CA LYS C 147 11.63 34.88 23.23
C LYS C 147 11.40 35.20 21.75
N GLU C 148 12.02 34.44 20.85
CA GLU C 148 11.80 34.64 19.42
C GLU C 148 10.36 34.31 19.02
N MET C 149 9.81 33.23 19.58
CA MET C 149 8.44 32.78 19.30
C MET C 149 7.38 33.54 20.08
N ASN C 150 7.75 34.39 21.05
CA ASN C 150 6.73 35.02 21.89
C ASN C 150 5.84 35.98 21.10
N ALA C 151 6.38 36.60 20.05
CA ALA C 151 5.58 37.56 19.30
C ALA C 151 4.45 36.90 18.53
N LEU C 152 4.65 35.68 18.07
CA LEU C 152 3.70 35.04 17.18
C LEU C 152 2.32 34.92 17.80
N LYS C 153 1.30 35.17 16.98
CA LYS C 153 -0.08 34.98 17.39
C LYS C 153 -0.45 33.50 17.26
N PRO C 154 -0.99 32.89 18.31
CA PRO C 154 -1.18 31.44 18.29
C PRO C 154 -2.28 31.01 17.32
N GLY C 155 -2.07 29.85 16.71
CA GLY C 155 -3.07 29.20 15.90
C GLY C 155 -3.47 27.86 16.47
N PRO C 156 -4.30 27.11 15.75
CA PRO C 156 -4.78 25.82 16.25
C PRO C 156 -3.65 24.80 16.40
N ILE C 157 -3.83 23.91 17.39
CA ILE C 157 -2.87 22.83 17.61
C ILE C 157 -2.86 21.90 16.40
N ILE C 158 -1.66 21.54 15.94
CA ILE C 158 -1.51 20.57 14.87
C ILE C 158 -0.66 19.36 15.27
N ASP C 159 0.08 19.41 16.37
CA ASP C 159 0.97 18.33 16.73
C ASP C 159 1.16 18.29 18.23
N TYR C 160 1.22 17.07 18.78
CA TYR C 160 1.48 16.83 20.20
C TYR C 160 2.87 16.23 20.36
N HIS C 161 3.58 16.65 21.41
CA HIS C 161 4.92 16.16 21.68
C HIS C 161 5.01 15.71 23.12
N VAL C 162 5.41 14.46 23.34
CA VAL C 162 5.47 13.85 24.66
C VAL C 162 6.94 13.75 25.06
N TRP C 163 7.27 14.34 26.20
CA TRP C 163 8.66 14.47 26.66
C TRP C 163 8.80 13.64 27.93
N ILE C 164 9.59 12.56 27.86
CA ILE C 164 9.69 11.59 28.95
C ILE C 164 11.06 11.77 29.60
N GLY C 165 11.07 12.24 30.85
CA GLY C 165 12.30 12.49 31.57
C GLY C 165 12.41 11.65 32.83
N ASP C 166 13.59 11.72 33.45
CA ASP C 166 13.87 10.90 34.63
C ASP C 166 13.21 11.42 35.89
N CYS C 167 12.79 12.69 35.90
CA CYS C 167 12.12 13.27 37.05
C CYS C 167 10.78 13.89 36.72
N VAL C 168 10.52 14.23 35.45
CA VAL C 168 9.28 14.86 35.05
C VAL C 168 8.96 14.39 33.64
N CYS C 169 7.66 14.30 33.34
CA CYS C 169 7.18 14.07 31.99
C CYS C 169 6.28 15.23 31.60
N GLN C 170 6.28 15.59 30.32
CA GLN C 170 5.51 16.74 29.87
C GLN C 170 4.94 16.48 28.48
N VAL C 171 3.84 17.17 28.18
CA VAL C 171 3.23 17.16 26.86
C VAL C 171 3.13 18.60 26.39
N THR C 172 3.64 18.87 25.19
CA THR C 172 3.50 20.19 24.58
C THR C 172 2.77 20.07 23.25
N THR C 173 2.25 21.20 22.78
CA THR C 173 1.51 21.27 21.53
C THR C 173 1.98 22.50 20.76
N VAL C 174 1.95 22.39 19.42
CA VAL C 174 2.42 23.46 18.54
C VAL C 174 1.39 23.73 17.46
N ASP C 175 1.43 24.95 16.91
CA ASP C 175 0.66 25.29 15.74
C ASP C 175 1.55 25.20 14.50
N VAL C 176 1.06 25.69 13.36
CA VAL C 176 1.79 25.57 12.11
C VAL C 176 3.14 26.27 12.18
N HIS C 177 3.21 27.44 12.83
CA HIS C 177 4.51 28.09 12.97
C HIS C 177 5.41 27.44 14.00
N GLY C 178 4.90 26.49 14.79
CA GLY C 178 5.69 25.91 15.86
C GLY C 178 5.60 26.64 17.19
N LYS C 179 4.71 27.62 17.32
CA LYS C 179 4.49 28.25 18.60
C LYS C 179 3.87 27.26 19.57
N GLU C 180 4.32 27.29 20.82
CA GLU C 180 3.78 26.40 21.84
C GLU C 180 2.42 26.93 22.28
N ILE C 181 1.39 26.09 22.15
CA ILE C 181 0.03 26.51 22.48
C ILE C 181 -0.34 26.12 23.91
N MET C 182 0.01 24.90 24.32
CA MET C 182 -0.46 24.35 25.58
C MET C 182 0.55 23.31 26.07
N ARG C 183 0.71 23.24 27.40
CA ARG C 183 1.64 22.30 28.00
C ARG C 183 1.03 21.72 29.28
N MET C 184 1.23 20.42 29.47
CA MET C 184 0.87 19.72 30.70
C MET C 184 2.10 19.03 31.25
N ARG C 185 2.27 19.07 32.57
CA ARG C 185 3.40 18.41 33.21
C ARG C 185 2.92 17.36 34.20
N PHE C 186 3.62 16.23 34.25
CA PHE C 186 3.29 15.12 35.13
C PHE C 186 4.51 14.89 35.99
N LYS C 187 4.35 14.90 37.31
CA LYS C 187 5.50 14.88 38.21
C LYS C 187 5.90 13.44 38.55
N ARG C 188 6.31 12.70 37.51
CA ARG C 188 6.77 11.32 37.65
C ARG C 188 7.90 11.09 36.66
N GLY C 189 8.81 10.18 37.02
CA GLY C 189 9.92 9.82 36.16
C GLY C 189 9.61 8.54 35.39
N ALA C 190 10.20 8.41 34.21
CA ALA C 190 9.82 7.30 33.33
C ALA C 190 10.82 7.12 32.21
N VAL C 191 10.62 6.04 31.45
CA VAL C 191 11.37 5.72 30.24
C VAL C 191 10.37 5.46 29.13
N LEU C 192 10.87 5.41 27.89
CA LEU C 192 10.07 5.06 26.74
C LEU C 192 10.41 3.64 26.26
N PRO C 193 9.46 2.95 25.63
CA PRO C 193 9.80 1.65 25.04
C PRO C 193 10.86 1.79 23.96
N ILE C 194 11.63 0.72 23.78
CA ILE C 194 12.60 0.65 22.71
C ILE C 194 12.17 -0.49 21.79
N PRO C 195 11.71 -0.19 20.55
CA PRO C 195 11.16 -1.21 19.66
C PRO C 195 12.20 -2.23 19.23
N MET D 2 -8.42 -47.84 -0.43
CA MET D 2 -7.18 -47.24 -0.91
C MET D 2 -6.26 -46.86 0.26
N ALA D 3 -5.79 -45.62 0.26
CA ALA D 3 -4.83 -45.17 1.26
C ALA D 3 -5.53 -44.78 2.55
N MET D 4 -4.99 -45.23 3.67
CA MET D 4 -5.51 -44.93 4.99
C MET D 4 -4.68 -43.85 5.67
N PHE D 5 -5.34 -42.94 6.36
CA PHE D 5 -4.69 -41.90 7.15
C PHE D 5 -5.33 -41.87 8.52
N TYR D 6 -4.51 -42.00 9.57
CA TYR D 6 -4.99 -42.03 10.95
C TYR D 6 -4.36 -40.89 11.73
N ALA D 7 -5.17 -40.21 12.55
CA ALA D 7 -4.72 -39.04 13.29
C ALA D 7 -4.15 -39.45 14.64
N HIS D 8 -2.91 -39.04 14.91
CA HIS D 8 -2.29 -39.32 16.20
C HIS D 8 -3.08 -38.69 17.35
N ALA D 9 -3.76 -37.58 17.09
CA ALA D 9 -4.56 -36.95 18.12
C ALA D 9 -5.66 -37.86 18.63
N PHE D 10 -6.17 -38.74 17.77
CA PHE D 10 -7.25 -39.67 18.13
C PHE D 10 -6.73 -41.06 18.44
N GLY D 11 -5.47 -41.20 18.85
CA GLY D 11 -4.91 -42.51 19.12
C GLY D 11 -4.60 -43.33 17.89
N GLY D 12 -4.41 -42.69 16.74
CA GLY D 12 -4.19 -43.41 15.51
C GLY D 12 -2.76 -43.80 15.21
N TYR D 13 -1.82 -43.59 16.13
CA TYR D 13 -0.43 -43.95 15.86
C TYR D 13 -0.31 -45.46 15.73
N ASP D 14 0.35 -45.90 14.66
CA ASP D 14 0.61 -47.31 14.40
C ASP D 14 2.06 -47.39 13.95
N GLU D 15 2.92 -48.01 14.76
CA GLU D 15 4.35 -47.99 14.48
C GLU D 15 4.74 -48.77 13.24
N ASN D 16 3.85 -49.62 12.71
CA ASN D 16 4.14 -50.37 11.50
C ASN D 16 3.72 -49.63 10.23
N LEU D 17 3.21 -48.41 10.37
CA LEU D 17 2.82 -47.57 9.24
C LEU D 17 3.77 -46.39 9.10
N HIS D 18 3.72 -45.73 7.95
CA HIS D 18 4.49 -44.50 7.78
C HIS D 18 4.02 -43.47 8.79
N ALA D 19 4.98 -42.75 9.38
CA ALA D 19 4.70 -41.79 10.43
C ALA D 19 5.16 -40.41 10.00
N PHE D 20 4.27 -39.44 10.09
CA PHE D 20 4.56 -38.03 9.86
C PHE D 20 3.89 -37.25 10.99
N PRO D 21 4.24 -35.97 11.16
CA PRO D 21 3.59 -35.18 12.22
C PRO D 21 2.08 -35.28 12.20
N GLY D 22 1.51 -35.89 13.24
CA GLY D 22 0.08 -36.00 13.40
C GLY D 22 -0.57 -37.13 12.63
N ILE D 23 0.16 -37.89 11.81
CA ILE D 23 -0.44 -38.86 10.90
C ILE D 23 0.34 -40.16 10.90
N SER D 24 -0.39 -41.28 10.92
CA SER D 24 0.13 -42.57 10.47
C SER D 24 -0.65 -42.97 9.23
N SER D 25 0.07 -43.42 8.20
CA SER D 25 -0.54 -43.66 6.91
C SER D 25 0.02 -44.92 6.26
N THR D 26 -0.84 -45.59 5.47
CA THR D 26 -0.39 -46.73 4.68
C THR D 26 0.45 -46.32 3.48
N VAL D 27 0.52 -45.02 3.17
CA VAL D 27 1.33 -44.51 2.07
C VAL D 27 2.19 -43.37 2.58
N ALA D 28 3.23 -43.05 1.82
CA ALA D 28 4.16 -41.96 2.14
C ALA D 28 4.17 -40.99 0.97
N ASN D 29 3.29 -39.99 1.02
CA ASN D 29 3.16 -39.02 -0.05
C ASN D 29 4.15 -37.87 0.14
N ASP D 30 4.84 -37.52 -0.94
CA ASP D 30 5.68 -36.32 -0.96
C ASP D 30 4.77 -35.12 -1.22
N VAL D 31 4.56 -34.30 -0.20
CA VAL D 31 3.57 -33.24 -0.27
C VAL D 31 4.22 -31.92 -0.68
N ARG D 32 5.51 -31.95 -1.05
CA ARG D 32 6.17 -30.73 -1.46
C ARG D 32 5.71 -30.24 -2.84
N LYS D 33 5.19 -31.14 -3.69
CA LYS D 33 4.89 -30.79 -5.07
C LYS D 33 3.57 -30.03 -5.23
N TYR D 34 2.67 -30.13 -4.26
CA TYR D 34 1.34 -29.55 -4.43
C TYR D 34 1.36 -28.05 -4.21
N SER D 35 0.64 -27.33 -5.08
CA SER D 35 0.40 -25.91 -4.90
C SER D 35 -1.05 -25.59 -4.59
N VAL D 36 -1.98 -26.51 -4.87
CA VAL D 36 -3.39 -26.35 -4.56
C VAL D 36 -3.92 -27.66 -4.02
N VAL D 37 -4.69 -27.61 -2.93
CA VAL D 37 -5.36 -28.77 -2.37
C VAL D 37 -6.85 -28.47 -2.26
N SER D 38 -7.63 -29.49 -1.93
CA SER D 38 -9.07 -29.34 -1.77
C SER D 38 -9.53 -30.04 -0.51
N VAL D 39 -10.38 -29.35 0.25
CA VAL D 39 -11.00 -29.88 1.47
C VAL D 39 -12.49 -29.67 1.34
N TYR D 40 -13.25 -30.77 1.34
CA TYR D 40 -14.70 -30.74 1.18
C TYR D 40 -15.10 -29.96 -0.08
N ASN D 41 -14.39 -30.27 -1.17
CA ASN D 41 -14.67 -29.70 -2.50
C ASN D 41 -14.46 -28.19 -2.54
N LYS D 42 -13.56 -27.68 -1.70
CA LYS D 42 -13.14 -26.28 -1.76
C LYS D 42 -11.64 -26.22 -1.96
N LYS D 43 -11.19 -25.40 -2.90
CA LYS D 43 -9.79 -25.33 -3.28
C LYS D 43 -9.05 -24.32 -2.42
N TYR D 44 -7.81 -24.65 -2.06
CA TYR D 44 -7.00 -23.78 -1.22
C TYR D 44 -5.57 -23.77 -1.73
N ASN D 45 -4.92 -22.60 -1.66
CA ASN D 45 -3.58 -22.41 -2.19
C ASN D 45 -2.53 -22.70 -1.11
N ILE D 46 -1.47 -23.39 -1.51
CA ILE D 46 -0.33 -23.65 -0.63
C ILE D 46 0.56 -22.42 -0.61
N VAL D 47 0.93 -21.98 0.60
CA VAL D 47 1.77 -20.78 0.75
C VAL D 47 3.16 -21.05 0.19
N LYS D 48 3.74 -20.06 -0.45
CA LYS D 48 5.06 -20.18 -1.05
C LYS D 48 6.13 -19.68 -0.08
N ASN D 49 7.23 -20.43 0.00
CA ASN D 49 8.42 -20.03 0.77
C ASN D 49 8.12 -19.79 2.24
N LYS D 50 7.15 -20.51 2.80
CA LYS D 50 6.87 -20.44 4.22
C LYS D 50 6.10 -21.68 4.64
N TYR D 51 6.47 -22.23 5.79
CA TYR D 51 6.09 -23.58 6.18
C TYR D 51 5.60 -23.54 7.62
N MET D 52 5.25 -24.71 8.15
CA MET D 52 4.81 -24.80 9.54
C MET D 52 5.56 -25.97 10.18
N TRP D 53 6.22 -25.70 11.29
CA TRP D 53 6.90 -26.75 12.03
C TRP D 53 5.89 -27.50 12.89
N CYS D 54 5.64 -28.75 12.56
CA CYS D 54 4.66 -29.58 13.26
C CYS D 54 5.34 -30.80 13.85
N ASN D 55 4.79 -31.29 14.96
CA ASN D 55 5.33 -32.47 15.60
C ASN D 55 4.21 -33.23 16.29
N SER D 56 4.36 -34.56 16.33
CA SER D 56 3.62 -35.37 17.28
C SER D 56 4.63 -36.11 18.15
N GLN D 57 4.19 -36.44 19.36
CA GLN D 57 5.01 -37.17 20.32
C GLN D 57 4.20 -38.38 20.78
N VAL D 58 4.64 -39.57 20.39
CA VAL D 58 3.90 -40.80 20.63
C VAL D 58 4.89 -41.90 20.98
N ASN D 59 4.63 -42.62 22.08
CA ASN D 59 5.42 -43.78 22.45
C ASN D 59 6.90 -43.42 22.60
N LYS D 60 7.18 -42.30 23.26
CA LYS D 60 8.51 -41.81 23.53
C LYS D 60 9.28 -41.45 22.27
N ARG D 61 8.58 -41.16 21.18
CA ARG D 61 9.19 -40.85 19.89
C ARG D 61 8.67 -39.52 19.40
N TYR D 62 9.60 -38.62 19.05
CA TYR D 62 9.26 -37.30 18.53
C TYR D 62 9.37 -37.31 17.01
N ILE D 63 8.34 -36.80 16.34
CA ILE D 63 8.25 -36.79 14.88
C ILE D 63 7.98 -35.36 14.46
N GLY D 64 9.02 -34.63 14.07
CA GLY D 64 8.87 -33.22 13.72
C GLY D 64 9.41 -32.93 12.33
N ALA D 65 8.78 -31.97 11.67
CA ALA D 65 9.16 -31.63 10.31
C ALA D 65 8.57 -30.29 9.90
N LEU D 66 9.23 -29.63 8.94
CA LEU D 66 8.68 -28.46 8.28
C LEU D 66 7.70 -28.93 7.20
N LEU D 67 6.44 -28.54 7.34
CA LEU D 67 5.42 -29.00 6.42
C LEU D 67 4.89 -27.87 5.56
N PRO D 68 4.50 -28.14 4.32
CA PRO D 68 3.74 -27.15 3.55
C PRO D 68 2.44 -26.82 4.27
N MET D 69 1.81 -25.74 3.83
CA MET D 69 0.68 -25.21 4.57
C MET D 69 -0.18 -24.37 3.63
N PHE D 70 -1.50 -24.55 3.72
CA PHE D 70 -2.42 -23.86 2.83
C PHE D 70 -3.28 -22.87 3.61
N GLU D 71 -3.71 -21.82 2.90
CA GLU D 71 -4.49 -20.74 3.48
C GLU D 71 -5.98 -21.03 3.32
N CYS D 72 -6.70 -21.07 4.43
CA CYS D 72 -8.12 -21.43 4.42
C CYS D 72 -8.80 -20.69 5.56
N ASN D 73 -9.83 -19.90 5.22
CA ASN D 73 -10.52 -19.10 6.22
C ASN D 73 -11.58 -19.88 6.98
N GLU D 74 -12.05 -21.00 6.43
CA GLU D 74 -12.97 -21.86 7.15
C GLU D 74 -12.26 -22.56 8.30
N TYR D 75 -13.01 -22.87 9.35
CA TYR D 75 -12.46 -23.67 10.44
C TYR D 75 -12.52 -25.14 10.02
N LEU D 76 -11.35 -25.78 10.00
CA LEU D 76 -11.25 -27.20 9.71
C LEU D 76 -10.82 -27.95 10.97
N GLN D 77 -11.22 -29.22 11.04
CA GLN D 77 -10.99 -30.04 12.22
C GLN D 77 -10.04 -31.18 11.91
N ILE D 78 -9.33 -31.64 12.94
CA ILE D 78 -8.43 -32.76 12.82
C ILE D 78 -9.14 -33.94 12.19
N GLY D 79 -8.53 -34.53 11.16
CA GLY D 79 -9.07 -35.68 10.48
C GLY D 79 -9.80 -35.36 9.19
N ASP D 80 -10.11 -34.09 8.94
CA ASP D 80 -10.75 -33.71 7.69
C ASP D 80 -9.88 -34.13 6.52
N PRO D 81 -10.43 -34.85 5.53
CA PRO D 81 -9.60 -35.31 4.42
C PRO D 81 -9.11 -34.16 3.55
N ILE D 82 -7.85 -34.26 3.13
CA ILE D 82 -7.24 -33.33 2.19
C ILE D 82 -7.01 -34.06 0.87
N HIS D 83 -7.45 -33.46 -0.23
CA HIS D 83 -7.36 -34.07 -1.55
C HIS D 83 -6.48 -33.23 -2.46
N ASP D 84 -5.97 -33.87 -3.50
CA ASP D 84 -5.38 -33.14 -4.61
C ASP D 84 -6.51 -32.68 -5.53
N LEU D 85 -6.16 -32.11 -6.68
CA LEU D 85 -7.18 -31.64 -7.60
C LEU D 85 -7.77 -32.76 -8.44
N GLU D 86 -7.27 -33.99 -8.30
CA GLU D 86 -7.70 -35.12 -9.10
C GLU D 86 -8.61 -36.06 -8.33
N GLY D 87 -8.99 -35.71 -7.10
CA GLY D 87 -9.91 -36.51 -6.32
C GLY D 87 -9.28 -37.52 -5.39
N ASN D 88 -7.95 -37.61 -5.36
CA ASN D 88 -7.26 -38.56 -4.50
C ASN D 88 -6.95 -37.92 -3.15
N GLN D 89 -7.21 -38.67 -2.08
CA GLN D 89 -6.86 -38.20 -0.75
C GLN D 89 -5.36 -38.32 -0.53
N ILE D 90 -4.74 -37.22 -0.12
CA ILE D 90 -3.29 -37.19 0.07
C ILE D 90 -2.88 -36.98 1.53
N SER D 91 -3.78 -36.53 2.40
CA SER D 91 -3.45 -36.26 3.80
C SER D 91 -4.76 -36.08 4.56
N ILE D 92 -4.63 -35.63 5.82
CA ILE D 92 -5.75 -35.20 6.64
C ILE D 92 -5.32 -33.97 7.41
N VAL D 93 -6.30 -33.18 7.84
CA VAL D 93 -6.01 -31.98 8.63
C VAL D 93 -5.39 -32.39 9.95
N THR D 94 -4.35 -31.67 10.36
CA THR D 94 -3.64 -31.99 11.59
C THR D 94 -3.44 -30.76 12.47
N TYR D 95 -2.70 -29.77 11.97
CA TYR D 95 -2.28 -28.62 12.76
C TYR D 95 -2.71 -27.33 12.06
N ARG D 96 -2.93 -26.29 12.86
N ARG D 96 -2.94 -26.29 12.84
CA ARG D 96 -3.43 -25.01 12.39
CA ARG D 96 -3.37 -25.02 12.29
C ARG D 96 -2.66 -23.86 13.03
C ARG D 96 -2.67 -23.88 13.01
N HIS D 97 -2.42 -22.81 12.26
CA HIS D 97 -1.90 -21.55 12.78
C HIS D 97 -2.77 -20.46 12.16
N LYS D 98 -3.77 -20.01 12.92
CA LYS D 98 -4.80 -19.10 12.41
C LYS D 98 -5.44 -19.65 11.14
N ASN D 99 -5.17 -19.04 9.99
CA ASN D 99 -5.74 -19.48 8.74
C ASN D 99 -4.80 -20.32 7.90
N TYR D 100 -3.67 -20.75 8.46
CA TYR D 100 -2.76 -21.68 7.81
C TYR D 100 -3.00 -23.09 8.34
N TYR D 101 -3.03 -24.06 7.43
CA TYR D 101 -3.25 -25.46 7.78
C TYR D 101 -2.13 -26.31 7.22
N ALA D 102 -1.50 -27.11 8.09
CA ALA D 102 -0.40 -27.97 7.68
C ALA D 102 -0.89 -29.07 6.73
N LEU D 103 -0.02 -29.44 5.79
CA LEU D 103 -0.23 -30.56 4.89
C LEU D 103 0.82 -31.61 5.24
N SER D 104 0.45 -32.58 6.06
CA SER D 104 1.41 -33.51 6.62
C SER D 104 1.68 -34.68 5.68
N GLY D 105 2.93 -35.11 5.68
CA GLY D 105 3.46 -36.07 4.71
C GLY D 105 4.97 -35.89 4.66
N ILE D 106 5.58 -36.43 3.61
CA ILE D 106 6.99 -36.13 3.40
C ILE D 106 7.11 -34.65 3.03
N GLY D 107 7.71 -33.86 3.92
CA GLY D 107 7.85 -32.44 3.67
C GLY D 107 9.30 -32.02 3.54
N TYR D 108 9.68 -30.97 4.26
CA TYR D 108 11.04 -30.44 4.18
C TYR D 108 11.87 -30.93 5.36
N GLU D 109 12.67 -30.07 5.96
CA GLU D 109 13.62 -30.51 6.98
C GLU D 109 12.90 -31.13 8.16
N SER D 110 13.52 -32.15 8.76
CA SER D 110 12.85 -32.97 9.75
C SER D 110 13.76 -33.23 10.94
N LEU D 111 13.12 -33.54 12.07
CA LEU D 111 13.80 -33.97 13.29
C LEU D 111 13.05 -35.15 13.88
N ASP D 112 13.72 -36.29 13.97
CA ASP D 112 13.20 -37.46 14.66
C ASP D 112 14.06 -37.72 15.89
N LEU D 113 13.43 -38.05 17.02
CA LEU D 113 14.17 -38.12 18.26
C LEU D 113 13.53 -39.09 19.26
N CYS D 114 14.39 -39.89 19.90
CA CYS D 114 14.01 -40.71 21.04
C CYS D 114 13.92 -39.82 22.27
N LEU D 115 12.74 -39.76 22.89
CA LEU D 115 12.53 -38.85 24.00
C LEU D 115 12.97 -39.41 25.35
N GLU D 116 13.87 -40.39 25.34
CA GLU D 116 14.44 -40.91 26.58
C GLU D 116 15.42 -39.92 27.18
N GLY D 117 15.17 -39.51 28.42
CA GLY D 117 16.10 -38.69 29.18
C GLY D 117 16.18 -37.25 28.80
N VAL D 118 15.43 -36.81 27.78
CA VAL D 118 15.50 -35.43 27.31
C VAL D 118 14.10 -34.88 27.12
N GLY D 119 13.99 -33.56 27.22
CA GLY D 119 12.80 -32.86 26.83
C GLY D 119 13.02 -32.10 25.52
N ILE D 120 11.92 -31.56 24.99
CA ILE D 120 11.98 -30.79 23.75
C ILE D 120 10.97 -29.65 23.84
N HIS D 121 11.39 -28.47 23.41
CA HIS D 121 10.61 -27.25 23.58
C HIS D 121 10.65 -26.46 22.29
N HIS D 122 9.55 -25.76 22.00
CA HIS D 122 9.39 -25.05 20.74
C HIS D 122 9.19 -23.57 21.01
N HIS D 123 9.92 -22.72 20.28
CA HIS D 123 9.89 -21.28 20.49
C HIS D 123 9.68 -20.55 19.17
N VAL D 124 8.94 -19.44 19.25
CA VAL D 124 8.84 -18.51 18.13
C VAL D 124 10.05 -17.58 18.21
N LEU D 125 10.92 -17.64 17.20
CA LEU D 125 12.12 -16.82 17.19
C LEU D 125 11.78 -15.42 16.70
N GLU D 126 12.01 -14.42 17.55
CA GLU D 126 11.70 -13.05 17.18
C GLU D 126 12.67 -12.55 16.11
N THR D 127 12.16 -11.81 15.14
CA THR D 127 13.00 -11.28 14.08
C THR D 127 14.07 -10.36 14.66
N GLY D 128 15.32 -10.58 14.26
CA GLY D 128 16.44 -9.83 14.76
C GLY D 128 17.10 -10.40 16.01
N ASN D 129 16.41 -11.28 16.73
CA ASN D 129 16.98 -11.86 17.94
C ASN D 129 18.04 -12.91 17.58
N ALA D 130 18.92 -13.16 18.54
CA ALA D 130 19.90 -14.22 18.45
C ALA D 130 19.52 -15.34 19.41
N VAL D 131 20.16 -16.49 19.24
CA VAL D 131 19.90 -17.67 20.06
C VAL D 131 21.21 -18.18 20.61
N TYR D 132 21.24 -18.47 21.91
CA TYR D 132 22.27 -19.31 22.48
C TYR D 132 21.61 -20.32 23.40
N GLY D 133 21.82 -21.61 23.12
CA GLY D 133 21.34 -22.63 24.00
C GLY D 133 19.84 -22.67 24.15
N LYS D 134 19.34 -22.33 25.33
CA LYS D 134 17.92 -22.39 25.61
C LYS D 134 17.25 -21.03 25.64
N VAL D 135 17.95 -19.96 25.25
CA VAL D 135 17.37 -18.61 25.31
C VAL D 135 17.58 -17.89 23.98
N GLN D 136 16.67 -16.95 23.71
CA GLN D 136 16.82 -15.94 22.68
C GLN D 136 16.84 -14.57 23.34
N HIS D 137 17.50 -13.62 22.69
CA HIS D 137 17.57 -12.23 23.15
C HIS D 137 18.23 -11.41 22.05
N GLU D 138 18.46 -10.12 22.33
CA GLU D 138 19.18 -9.29 21.38
C GLU D 138 20.61 -9.80 21.18
N TYR D 139 21.17 -9.46 20.02
CA TYR D 139 22.46 -10.03 19.60
C TYR D 139 23.54 -9.81 20.65
N SER D 140 23.68 -8.57 21.13
CA SER D 140 24.77 -8.27 22.06
C SER D 140 24.57 -8.96 23.41
N THR D 141 23.32 -9.13 23.84
CA THR D 141 23.06 -9.86 25.08
C THR D 141 23.40 -11.33 24.92
N ILE D 142 23.03 -11.94 23.79
CA ILE D 142 23.36 -13.33 23.54
C ILE D 142 24.87 -13.52 23.43
N LYS D 143 25.56 -12.59 22.77
CA LYS D 143 27.01 -12.65 22.66
C LYS D 143 27.67 -12.72 24.03
N GLU D 144 27.21 -11.90 24.98
CA GLU D 144 27.75 -11.94 26.33
C GLU D 144 27.46 -13.29 26.99
N LYS D 145 26.21 -13.76 26.89
CA LYS D 145 25.85 -15.06 27.45
C LYS D 145 26.72 -16.16 26.85
N ALA D 146 26.94 -16.13 25.53
CA ALA D 146 27.80 -17.12 24.91
C ALA D 146 29.23 -17.04 25.42
N LYS D 147 29.70 -15.82 25.75
CA LYS D 147 31.04 -15.68 26.31
C LYS D 147 31.13 -16.26 27.72
N GLU D 148 30.12 -15.99 28.55
CA GLU D 148 30.11 -16.54 29.91
C GLU D 148 30.07 -18.06 29.88
N MET D 149 29.34 -18.65 28.93
CA MET D 149 29.15 -20.09 28.87
C MET D 149 30.23 -20.82 28.08
N ASN D 150 31.10 -20.08 27.38
CA ASN D 150 32.14 -20.74 26.59
C ASN D 150 33.15 -21.45 27.47
N ALA D 151 33.33 -21.00 28.71
CA ALA D 151 34.34 -21.56 29.59
C ALA D 151 33.93 -22.93 30.11
N LEU D 152 32.64 -23.15 30.34
CA LEU D 152 32.19 -24.36 31.01
C LEU D 152 32.47 -25.60 30.16
N LYS D 153 32.78 -26.71 30.85
CA LYS D 153 32.86 -27.98 30.16
C LYS D 153 31.46 -28.55 29.96
N PRO D 154 31.18 -29.15 28.80
CA PRO D 154 29.81 -29.54 28.49
C PRO D 154 29.36 -30.77 29.26
N GLY D 155 28.12 -30.71 29.75
CA GLY D 155 27.49 -31.86 30.36
C GLY D 155 26.62 -32.59 29.35
N PRO D 156 25.94 -33.64 29.79
CA PRO D 156 25.08 -34.39 28.88
C PRO D 156 23.87 -33.59 28.42
N ILE D 157 23.41 -33.89 27.20
CA ILE D 157 22.22 -33.24 26.66
C ILE D 157 21.03 -33.54 27.55
N ILE D 158 20.29 -32.51 27.95
CA ILE D 158 19.05 -32.70 28.69
C ILE D 158 17.83 -32.20 27.95
N ASP D 159 17.97 -31.30 26.98
CA ASP D 159 16.83 -30.69 26.31
C ASP D 159 17.20 -30.37 24.86
N TYR D 160 16.19 -30.46 23.99
CA TYR D 160 16.23 -29.92 22.65
C TYR D 160 15.37 -28.66 22.61
N HIS D 161 15.83 -27.65 21.87
CA HIS D 161 15.09 -26.41 21.72
C HIS D 161 14.95 -26.08 20.24
N VAL D 162 13.71 -25.91 19.79
CA VAL D 162 13.39 -25.70 18.38
C VAL D 162 12.97 -24.25 18.22
N TRP D 163 13.70 -23.52 17.38
CA TRP D 163 13.53 -22.08 17.22
C TRP D 163 12.99 -21.82 15.81
N ILE D 164 11.74 -21.35 15.74
CA ILE D 164 11.04 -21.19 14.47
C ILE D 164 10.95 -19.69 14.18
N GLY D 165 11.64 -19.25 13.12
CA GLY D 165 11.65 -17.86 12.72
C GLY D 165 11.15 -17.69 11.29
N ASP D 166 10.97 -16.43 10.90
CA ASP D 166 10.43 -16.12 9.57
C ASP D 166 11.47 -16.23 8.47
N CYS D 167 12.76 -16.29 8.81
CA CYS D 167 13.83 -16.47 7.84
C CYS D 167 14.61 -17.77 8.03
N VAL D 168 14.69 -18.26 9.26
CA VAL D 168 15.50 -19.43 9.58
C VAL D 168 14.82 -20.20 10.69
N CYS D 169 15.07 -21.50 10.74
CA CYS D 169 14.67 -22.35 11.85
C CYS D 169 15.92 -23.04 12.38
N GLN D 170 16.00 -23.18 13.71
CA GLN D 170 17.19 -23.77 14.31
C GLN D 170 16.79 -24.77 15.39
N VAL D 171 17.66 -25.77 15.58
CA VAL D 171 17.54 -26.76 16.64
C VAL D 171 18.81 -26.70 17.46
N THR D 172 18.67 -26.49 18.77
CA THR D 172 19.81 -26.53 19.68
C THR D 172 19.59 -27.59 20.76
N THR D 173 20.70 -28.06 21.32
CA THR D 173 20.69 -28.93 22.49
C THR D 173 21.52 -28.29 23.59
N VAL D 174 21.14 -28.55 24.84
CA VAL D 174 21.78 -27.94 26.00
C VAL D 174 21.97 -28.97 27.09
N ASP D 175 22.88 -28.67 28.00
CA ASP D 175 23.04 -29.46 29.21
C ASP D 175 22.24 -28.80 30.34
N VAL D 176 22.41 -29.29 31.57
CA VAL D 176 21.62 -28.80 32.69
C VAL D 176 22.02 -27.38 33.08
N HIS D 177 23.20 -26.92 32.66
CA HIS D 177 23.62 -25.55 32.93
C HIS D 177 23.22 -24.56 31.84
N GLY D 178 22.67 -25.05 30.73
CA GLY D 178 22.32 -24.18 29.62
C GLY D 178 23.41 -24.03 28.57
N LYS D 179 24.52 -24.74 28.70
CA LYS D 179 25.56 -24.67 27.68
C LYS D 179 25.07 -25.32 26.38
N GLU D 180 25.31 -24.65 25.27
CA GLU D 180 24.89 -25.15 23.97
C GLU D 180 25.84 -26.23 23.49
N ILE D 181 25.29 -27.40 23.14
CA ILE D 181 26.08 -28.53 22.67
C ILE D 181 26.10 -28.50 21.14
N MET D 182 24.91 -28.50 20.54
CA MET D 182 24.73 -28.58 19.10
C MET D 182 23.83 -27.44 18.65
N ARG D 183 24.08 -26.93 17.44
CA ARG D 183 23.13 -26.06 16.77
C ARG D 183 23.01 -26.51 15.32
N MET D 184 21.79 -26.82 14.89
CA MET D 184 21.51 -27.00 13.48
C MET D 184 20.58 -25.91 12.96
N ARG D 185 20.93 -25.34 11.80
CA ARG D 185 20.14 -24.31 11.16
C ARG D 185 19.53 -24.87 9.88
N PHE D 186 18.21 -24.72 9.73
CA PHE D 186 17.52 -24.97 8.47
C PHE D 186 17.17 -23.62 7.85
N LYS D 187 17.57 -23.42 6.59
CA LYS D 187 17.41 -22.13 5.94
C LYS D 187 16.04 -22.01 5.26
N ARG D 188 15.00 -22.04 6.10
CA ARG D 188 13.62 -21.87 5.67
C ARG D 188 12.87 -21.12 6.76
N GLY D 189 11.88 -20.34 6.35
CA GLY D 189 11.03 -19.60 7.28
C GLY D 189 9.74 -20.34 7.54
N ALA D 190 9.19 -20.17 8.74
CA ALA D 190 8.05 -20.97 9.15
C ALA D 190 7.32 -20.34 10.32
N VAL D 191 6.20 -20.96 10.69
CA VAL D 191 5.42 -20.61 11.87
C VAL D 191 5.20 -21.89 12.68
N LEU D 192 4.74 -21.70 13.92
CA LEU D 192 4.37 -22.82 14.78
C LEU D 192 2.85 -22.92 14.91
N PRO D 193 2.32 -24.13 15.11
CA PRO D 193 0.88 -24.25 15.32
C PRO D 193 0.43 -23.52 16.58
N ILE D 194 -0.78 -23.01 16.54
CA ILE D 194 -1.42 -22.37 17.69
C ILE D 194 -2.52 -23.31 18.18
N PRO D 195 -2.35 -23.97 19.33
CA PRO D 195 -3.29 -24.98 19.84
C PRO D 195 -4.68 -24.42 20.09
#